data_8YG7
#
_entry.id   8YG7
#
_cell.length_a   38.347
_cell.length_b   92.608
_cell.length_c   95.219
_cell.angle_alpha   75.02
_cell.angle_beta   89.28
_cell.angle_gamma   79.82
#
_symmetry.space_group_name_H-M   'P 1'
#
loop_
_entity.id
_entity.type
_entity.pdbx_description
1 polymer Albumin
2 non-polymer ~{N},~{N}-dimethyl-7-propan-2-yl-3-thia-5-aza-1,6-diazonia-2$l^{3}-cupratricyclo[6.4.0.0^{2,6}]dodeca-1(12),4,6,8,10-pentaen-4-amine
3 non-polymer INDOMETHACIN
4 non-polymer 'PALMITIC ACID'
5 water water
#
_entity_poly.entity_id   1
_entity_poly.type   'polypeptide(L)'
_entity_poly.pdbx_seq_one_letter_code
;HKSEVAHRFKDLGEENFKALVLIAFAQYLQQCPFEDHVKLVNEVTEFAKTCVADESAENCDKSLHTLFGDKLCTVATLRE
TYGEMADCCAKQEPERNECFLQHKDDNPNLPRLVRPEVDVMCTAFHDNEETFLKKYLYEIARRHPYFYAPELLFFAKRYK
AAFTECCQAADKAACLLPKLDELRDEGKASSAKQRLKCASLQKFGERAFKAWAVARLSQRFPKAEFAEVSKLVTDLTKVH
TECCHGDLLECADDRADLAKYICENQDSISSKLKECCEKPLLEKSHCIAEVENDEMPADLPSLAADFVESKDVCKNYAEA
KDVFLGMFLYEYARRHPDYSVVLLLRLAKTYETTLEKCCAAADPHECYAKVFDEFKPLVEEPQNLIKQNCELFEQLGEYK
FQNALLVRYTKKVPQVSTPTLVEVSRNLGKVGSKCCKHPEAKRMPCAEDYLSVVLNQLCVLHEKTPVSDRVTKCCTESLV
NRRPCFSALEVDETYVPKEFNAETFTFHADICTLSEKERQIKKQTALVELVKHKPKATKEQLKAVMDDFAAFVEKCCKAD
DKETCFAEEGKKLVAASQAAL
;
_entity_poly.pdbx_strand_id   A,I
#
loop_
_chem_comp.id
_chem_comp.type
_chem_comp.name
_chem_comp.formula
A1D6U non-polymer ~{N},~{N}-dimethyl-7-propan-2-yl-3-thia-5-aza-1,6-diazonia-2$l^{3}-cupratricyclo[6.4.0.0^{2,6}]dodeca-1(12),4,6,8,10-pentaen-4-amine 'C12 H17 Cu N4 S 2'
IMN non-polymer INDOMETHACIN 'C19 H16 Cl N O4'
PLM non-polymer 'PALMITIC ACID' 'C16 H32 O2'
#
# COMPACT_ATOMS: atom_id res chain seq x y z
N HIS A 1 -20.45 7.93 4.37
CA HIS A 1 -19.64 9.09 4.85
C HIS A 1 -19.56 10.13 3.72
N LYS A 2 -20.71 10.64 3.29
CA LYS A 2 -20.73 11.96 2.61
C LYS A 2 -20.11 12.99 3.55
N SER A 3 -20.39 12.88 4.85
CA SER A 3 -19.76 13.76 5.87
C SER A 3 -19.13 12.94 6.98
N GLU A 4 -17.81 12.85 7.03
CA GLU A 4 -17.15 11.98 8.04
C GLU A 4 -17.35 12.45 9.49
N VAL A 5 -17.45 13.77 9.73
CA VAL A 5 -17.80 14.26 11.09
C VAL A 5 -19.18 13.77 11.51
N ALA A 6 -20.21 14.01 10.70
CA ALA A 6 -21.55 13.60 11.09
C ALA A 6 -21.60 12.12 11.36
N HIS A 7 -20.98 11.32 10.51
CA HIS A 7 -21.01 9.89 10.72
C HIS A 7 -20.35 9.49 12.05
N ARG A 8 -19.17 10.05 12.36
CA ARG A 8 -18.48 9.76 13.63
C ARG A 8 -19.31 10.25 14.82
N PHE A 9 -19.94 11.43 14.71
CA PHE A 9 -20.78 11.97 15.79
C PHE A 9 -21.94 11.04 16.09
N LYS A 10 -22.54 10.50 15.01
CA LYS A 10 -23.67 9.57 15.12
C LYS A 10 -23.21 8.24 15.73
N ASP A 11 -22.05 7.75 15.29
CA ASP A 11 -21.52 6.50 15.80
C ASP A 11 -21.06 6.57 17.24
N LEU A 12 -20.47 7.70 17.64
CA LEU A 12 -19.99 7.88 19.01
C LEU A 12 -21.04 8.31 19.96
N GLY A 13 -21.93 9.20 19.55
CA GLY A 13 -22.76 9.92 20.51
C GLY A 13 -22.01 11.16 21.02
N GLU A 14 -22.76 12.17 21.42
CA GLU A 14 -22.22 13.46 21.80
C GLU A 14 -21.21 13.44 22.92
N GLU A 15 -21.52 12.75 24.02
CA GLU A 15 -20.63 12.70 25.16
C GLU A 15 -19.27 12.07 24.85
N ASN A 16 -19.26 10.92 24.18
CA ASN A 16 -17.99 10.29 23.74
C ASN A 16 -17.22 11.16 22.72
N PHE A 17 -17.93 11.71 21.74
CA PHE A 17 -17.35 12.60 20.72
C PHE A 17 -16.58 13.72 21.36
N LYS A 18 -17.29 14.47 22.23
CA LYS A 18 -16.71 15.61 22.94
C LYS A 18 -15.46 15.16 23.74
N ALA A 19 -15.54 14.09 24.51
CA ALA A 19 -14.33 13.59 25.16
C ALA A 19 -13.17 13.25 24.28
N LEU A 20 -13.45 12.54 23.15
CA LEU A 20 -12.40 12.09 22.28
C LEU A 20 -11.75 13.26 21.59
N VAL A 21 -12.55 14.27 21.22
CA VAL A 21 -12.02 15.46 20.60
C VAL A 21 -11.15 16.22 21.61
N LEU A 22 -11.60 16.28 22.87
CA LEU A 22 -10.79 16.90 23.92
C LEU A 22 -9.46 16.17 24.08
N ILE A 23 -9.53 14.85 24.12
CA ILE A 23 -8.23 14.09 24.20
C ILE A 23 -7.35 14.33 22.95
N ALA A 24 -7.93 14.39 21.77
CA ALA A 24 -7.10 14.45 20.55
C ALA A 24 -6.35 15.77 20.47
N PHE A 25 -7.04 16.88 20.71
CA PHE A 25 -6.41 18.17 20.82
C PHE A 25 -5.45 18.31 22.04
N ALA A 26 -5.84 17.75 23.17
CA ALA A 26 -4.93 17.71 24.31
C ALA A 26 -3.58 17.08 23.95
N GLN A 27 -3.56 16.09 23.06
CA GLN A 27 -2.30 15.38 22.77
C GLN A 27 -1.37 16.14 21.77
N TYR A 28 -1.98 17.07 21.01
CA TYR A 28 -1.28 17.95 20.05
C TYR A 28 -0.98 19.35 20.56
N LEU A 29 -1.86 19.92 21.40
CA LEU A 29 -1.66 21.25 21.94
C LEU A 29 -1.47 21.09 23.40
N GLN A 30 -0.36 20.46 23.74
CA GLN A 30 -0.11 20.03 25.13
C GLN A 30 0.11 21.21 26.13
N GLN A 31 0.41 22.40 25.59
CA GLN A 31 0.71 23.56 26.43
C GLN A 31 -0.47 24.49 26.54
N CYS A 32 -1.47 24.38 25.66
CA CYS A 32 -2.60 25.29 25.74
C CYS A 32 -3.47 24.93 26.92
N PRO A 33 -4.02 25.93 27.62
CA PRO A 33 -4.74 25.63 28.83
C PRO A 33 -6.13 24.99 28.57
N PHE A 34 -6.64 24.35 29.63
CA PHE A 34 -7.95 23.72 29.62
C PHE A 34 -9.02 24.57 28.97
N GLU A 35 -9.18 25.81 29.41
CA GLU A 35 -10.27 26.65 28.91
C GLU A 35 -10.19 26.84 27.38
N ASP A 36 -9.00 26.87 26.78
CA ASP A 36 -8.86 26.99 25.31
C ASP A 36 -9.31 25.71 24.61
N HIS A 37 -8.95 24.54 25.17
CA HIS A 37 -9.46 23.26 24.72
C HIS A 37 -10.99 23.11 24.83
N VAL A 38 -11.56 23.52 25.99
CA VAL A 38 -13.01 23.53 26.18
C VAL A 38 -13.59 24.33 25.01
N LYS A 39 -12.99 25.48 24.69
CA LYS A 39 -13.48 26.28 23.54
C LYS A 39 -13.33 25.56 22.17
N LEU A 40 -12.24 24.79 21.96
CA LEU A 40 -12.09 24.07 20.68
C LEU A 40 -13.13 22.97 20.57
N VAL A 41 -13.23 22.18 21.61
CA VAL A 41 -14.22 21.14 21.65
C VAL A 41 -15.66 21.67 21.39
N ASN A 42 -16.07 22.74 22.02
CA ASN A 42 -17.43 23.25 21.82
C ASN A 42 -17.59 23.67 20.37
N GLU A 43 -16.58 24.29 19.78
CA GLU A 43 -16.67 24.73 18.38
C GLU A 43 -16.70 23.54 17.40
N VAL A 44 -15.88 22.53 17.65
CA VAL A 44 -15.90 21.38 16.76
C VAL A 44 -17.24 20.65 16.92
N THR A 45 -17.76 20.59 18.15
CA THR A 45 -19.02 19.94 18.43
C THR A 45 -20.22 20.74 17.84
N GLU A 46 -20.22 22.06 17.93
CA GLU A 46 -21.29 22.83 17.26
C GLU A 46 -21.23 22.46 15.79
N PHE A 47 -20.02 22.38 15.25
CA PHE A 47 -19.85 22.17 13.83
C PHE A 47 -20.40 20.82 13.42
N ALA A 48 -19.98 19.78 14.15
CA ALA A 48 -20.48 18.44 13.93
C ALA A 48 -22.04 18.34 13.86
N LYS A 49 -22.69 18.96 14.82
CA LYS A 49 -24.14 19.05 14.88
C LYS A 49 -24.77 19.61 13.63
N THR A 50 -24.09 20.56 13.03
CA THR A 50 -24.57 21.22 11.84
C THR A 50 -24.60 20.16 10.71
N CYS A 51 -23.60 19.26 10.75
CA CYS A 51 -23.42 18.23 9.73
C CYS A 51 -24.40 17.09 9.95
N VAL A 52 -24.69 16.77 11.21
CA VAL A 52 -25.68 15.77 11.56
C VAL A 52 -27.04 16.24 11.07
N ALA A 53 -27.38 17.51 11.29
CA ALA A 53 -28.61 18.07 10.74
C ALA A 53 -28.62 18.10 9.20
N ASP A 54 -27.47 18.32 8.57
CA ASP A 54 -27.42 18.51 7.11
C ASP A 54 -26.05 18.11 6.58
N GLU A 55 -25.96 16.89 6.02
CA GLU A 55 -24.66 16.35 5.55
C GLU A 55 -24.06 17.17 4.43
N SER A 56 -24.90 17.95 3.74
CA SER A 56 -24.46 18.90 2.67
C SER A 56 -24.18 20.32 3.14
N ALA A 57 -24.37 20.61 4.44
CA ALA A 57 -23.98 21.94 4.96
C ALA A 57 -22.48 22.16 4.80
N GLU A 58 -22.12 23.44 4.76
CA GLU A 58 -20.83 23.87 4.30
C GLU A 58 -19.68 23.36 5.19
N ASN A 59 -18.59 22.95 4.52
CA ASN A 59 -17.41 22.32 5.12
C ASN A 59 -17.65 20.92 5.69
N CYS A 60 -18.89 20.39 5.66
CA CYS A 60 -19.21 19.07 6.28
C CYS A 60 -18.64 17.88 5.55
N ASP A 61 -18.46 18.02 4.23
CA ASP A 61 -17.87 17.00 3.36
C ASP A 61 -16.34 16.89 3.47
N LYS A 62 -15.71 17.75 4.26
CA LYS A 62 -14.26 17.74 4.44
C LYS A 62 -13.83 16.55 5.32
N SER A 63 -12.64 16.06 5.00
CA SER A 63 -11.97 15.00 5.74
C SER A 63 -11.81 15.34 7.22
N LEU A 64 -11.79 14.32 8.06
CA LEU A 64 -11.59 14.57 9.45
C LEU A 64 -10.18 15.09 9.70
N HIS A 65 -9.24 14.53 8.99
CA HIS A 65 -7.85 15.02 9.02
C HIS A 65 -7.77 16.48 8.70
N THR A 66 -8.35 16.85 7.56
CA THR A 66 -8.49 18.24 7.12
C THR A 66 -9.05 19.14 8.16
N LEU A 67 -10.18 18.74 8.76
CA LEU A 67 -10.85 19.56 9.78
C LEU A 67 -10.00 19.68 11.05
N PHE A 68 -9.40 18.56 11.49
CA PHE A 68 -8.51 18.57 12.64
C PHE A 68 -7.28 19.50 12.42
N GLY A 69 -6.60 19.31 11.30
CA GLY A 69 -5.47 20.17 10.94
C GLY A 69 -5.81 21.64 10.77
N ASP A 70 -6.98 21.94 10.22
CA ASP A 70 -7.40 23.33 10.08
C ASP A 70 -7.69 23.94 11.44
N LYS A 71 -8.27 23.17 12.38
CA LYS A 71 -8.49 23.76 13.73
C LYS A 71 -7.19 24.05 14.46
N LEU A 72 -6.22 23.12 14.35
CA LEU A 72 -4.89 23.33 14.90
C LEU A 72 -4.33 24.61 14.31
N CYS A 73 -4.43 24.77 13.00
CA CYS A 73 -3.84 25.96 12.36
C CYS A 73 -4.56 27.28 12.64
N THR A 74 -5.72 27.25 13.33
CA THR A 74 -6.46 28.46 13.72
C THR A 74 -6.02 28.94 15.09
N VAL A 75 -5.28 28.10 15.81
CA VAL A 75 -4.82 28.43 17.14
C VAL A 75 -3.86 29.60 16.96
N ALA A 76 -4.19 30.76 17.52
CA ALA A 76 -3.48 32.00 17.16
C ALA A 76 -2.10 32.03 17.80
N THR A 77 -1.93 31.34 18.91
CA THR A 77 -0.67 31.30 19.58
C THR A 77 0.24 30.17 19.09
N LEU A 78 -0.08 29.53 17.96
CA LEU A 78 0.54 28.24 17.57
C LEU A 78 2.05 28.34 17.37
N ARG A 79 2.44 29.31 16.54
CA ARG A 79 3.85 29.58 16.29
C ARG A 79 4.60 30.00 17.53
N GLU A 80 4.00 30.90 18.34
CA GLU A 80 4.69 31.43 19.49
C GLU A 80 5.01 30.29 20.43
N THR A 81 4.14 29.30 20.51
CA THR A 81 4.22 28.30 21.54
C THR A 81 4.88 27.00 21.12
N TYR A 82 4.59 26.58 19.87
CA TYR A 82 4.99 25.25 19.34
C TYR A 82 5.95 25.33 18.15
N GLY A 83 6.00 26.49 17.46
CA GLY A 83 7.11 26.82 16.57
C GLY A 83 7.14 26.04 15.27
N GLU A 84 7.95 24.97 15.23
CA GLU A 84 8.08 24.10 14.03
C GLU A 84 6.73 23.59 13.56
N MET A 85 5.91 23.17 14.51
CA MET A 85 4.57 22.66 14.25
C MET A 85 3.77 23.65 13.39
N ALA A 86 3.92 24.94 13.65
CA ALA A 86 3.20 25.98 12.87
C ALA A 86 3.58 26.01 11.39
N ASP A 87 4.77 25.48 11.04
CA ASP A 87 5.21 25.33 9.65
C ASP A 87 4.54 24.18 8.96
N CYS A 88 3.99 23.22 9.70
CA CYS A 88 3.12 22.23 9.06
C CYS A 88 1.90 22.86 8.34
N CYS A 89 1.40 23.98 8.83
CA CYS A 89 0.22 24.65 8.26
C CYS A 89 0.46 25.22 6.87
N ALA A 90 1.70 25.51 6.52
CA ALA A 90 2.06 25.87 5.15
C ALA A 90 2.00 24.68 4.15
N LYS A 91 1.86 23.44 4.63
CA LYS A 91 1.77 22.25 3.77
C LYS A 91 0.34 21.96 3.27
N GLN A 92 0.25 21.30 2.11
CA GLN A 92 -1.02 20.80 1.57
C GLN A 92 -1.34 19.49 2.25
N GLU A 93 -2.63 19.26 2.49
CA GLU A 93 -3.08 18.38 3.58
C GLU A 93 -2.41 17.00 3.69
N PRO A 94 -2.21 16.26 2.58
CA PRO A 94 -1.59 14.93 2.86
C PRO A 94 -0.27 15.08 3.67
N GLU A 95 0.62 15.92 3.18
CA GLU A 95 1.94 16.15 3.81
C GLU A 95 1.82 16.95 5.12
N ARG A 96 0.81 17.81 5.21
CA ARG A 96 0.49 18.53 6.44
C ARG A 96 0.22 17.60 7.62
N ASN A 97 -0.61 16.58 7.41
CA ASN A 97 -1.01 15.73 8.54
C ASN A 97 0.21 14.89 8.95
N GLU A 98 1.00 14.49 7.96
CA GLU A 98 2.24 13.78 8.28
C GLU A 98 3.18 14.62 9.12
N CYS A 99 3.22 15.92 8.84
CA CYS A 99 4.08 16.86 9.57
C CYS A 99 3.63 17.06 11.04
N PHE A 100 2.34 17.13 11.28
CA PHE A 100 1.82 17.24 12.67
C PHE A 100 2.19 16.03 13.52
N LEU A 101 2.12 14.85 12.91
CA LEU A 101 2.45 13.61 13.58
C LEU A 101 3.88 13.60 14.17
N GLN A 102 4.87 14.11 13.41
CA GLN A 102 6.27 14.18 13.89
C GLN A 102 6.56 15.20 14.99
N HIS A 103 5.67 16.18 15.14
CA HIS A 103 5.88 17.31 16.01
C HIS A 103 5.10 17.29 17.33
N LYS A 104 4.52 16.15 17.70
CA LYS A 104 4.18 15.93 19.10
C LYS A 104 5.48 15.71 19.83
N ASP A 105 5.53 16.12 21.09
CA ASP A 105 6.62 15.82 22.00
C ASP A 105 6.15 14.70 22.93
N ASP A 106 6.80 13.54 22.81
CA ASP A 106 6.68 12.45 23.79
C ASP A 106 7.31 12.92 25.09
N ASN A 107 6.48 13.17 26.11
CA ASN A 107 6.94 13.54 27.45
C ASN A 107 7.41 15.01 27.51
N PRO A 108 6.50 15.92 27.93
CA PRO A 108 6.84 17.31 28.21
C PRO A 108 7.19 17.59 29.69
N ASN A 109 7.95 18.66 29.92
CA ASN A 109 8.19 19.17 31.27
C ASN A 109 6.87 19.71 31.77
N LEU A 110 6.09 18.84 32.40
CA LEU A 110 4.89 19.26 33.13
C LEU A 110 5.00 18.74 34.53
N PRO A 111 4.56 19.54 35.48
CA PRO A 111 4.67 19.12 36.85
C PRO A 111 3.80 17.91 37.17
N ARG A 112 4.28 17.07 38.08
CA ARG A 112 3.55 15.88 38.52
C ARG A 112 2.12 16.27 38.98
N LEU A 113 1.15 15.42 38.68
CA LEU A 113 -0.23 15.62 39.16
C LEU A 113 -0.35 15.17 40.60
N VAL A 114 -0.39 16.15 41.51
CA VAL A 114 -0.67 15.88 42.93
C VAL A 114 -2.10 15.35 43.11
N ARG A 115 -2.25 14.26 43.83
CA ARG A 115 -3.56 13.73 44.25
C ARG A 115 -4.08 14.60 45.38
N PRO A 116 -5.17 15.38 45.17
CA PRO A 116 -5.75 16.14 46.27
C PRO A 116 -6.34 15.29 47.39
N GLU A 117 -6.71 15.96 48.49
CA GLU A 117 -7.32 15.26 49.63
C GLU A 117 -8.64 14.67 49.16
N VAL A 118 -8.96 13.48 49.66
CA VAL A 118 -10.25 12.83 49.36
C VAL A 118 -11.47 13.76 49.43
N ASP A 119 -11.51 14.65 50.43
CA ASP A 119 -12.65 15.58 50.66
C ASP A 119 -12.75 16.73 49.63
N VAL A 120 -11.59 17.22 49.20
CA VAL A 120 -11.46 18.26 48.16
C VAL A 120 -11.91 17.68 46.83
N MET A 121 -11.33 16.54 46.45
CA MET A 121 -11.76 15.74 45.26
C MET A 121 -13.28 15.48 45.24
N CYS A 122 -13.82 14.95 46.36
CA CYS A 122 -15.25 14.56 46.42
C CYS A 122 -16.19 15.74 46.29
N THR A 123 -15.85 16.85 46.92
CA THR A 123 -16.59 18.09 46.74
C THR A 123 -16.47 18.65 45.31
N ALA A 124 -15.27 18.55 44.74
CA ALA A 124 -15.02 19.02 43.35
C ALA A 124 -15.91 18.28 42.39
N PHE A 125 -15.87 16.96 42.49
CA PHE A 125 -16.78 16.05 41.78
C PHE A 125 -18.26 16.39 41.91
N HIS A 126 -18.71 16.60 43.15
CA HIS A 126 -20.14 16.85 43.38
C HIS A 126 -20.56 18.21 42.83
N ASP A 127 -19.76 19.26 43.07
CA ASP A 127 -20.14 20.62 42.65
C ASP A 127 -20.24 20.70 41.13
N ASN A 128 -19.12 20.47 40.44
CA ASN A 128 -19.12 20.44 38.98
C ASN A 128 -18.41 19.19 38.45
N GLU A 129 -19.18 18.12 38.28
CA GLU A 129 -18.64 16.83 37.85
C GLU A 129 -17.92 16.91 36.48
N GLU A 130 -18.53 17.60 35.54
CA GLU A 130 -18.03 17.59 34.18
C GLU A 130 -16.64 18.21 34.10
N THR A 131 -16.45 19.39 34.71
CA THR A 131 -15.14 20.06 34.62
C THR A 131 -14.08 19.42 35.51
N PHE A 132 -14.49 18.78 36.59
CA PHE A 132 -13.57 18.00 37.42
C PHE A 132 -13.00 16.86 36.62
N LEU A 133 -13.83 15.98 36.06
CA LEU A 133 -13.33 14.86 35.24
C LEU A 133 -12.62 15.32 33.96
N LYS A 134 -13.23 16.24 33.24
CA LYS A 134 -12.64 16.78 32.01
C LYS A 134 -11.29 17.45 32.17
N LYS A 135 -11.15 18.39 33.10
CA LYS A 135 -9.85 18.98 33.43
C LYS A 135 -8.81 17.91 33.66
N TYR A 136 -9.14 16.90 34.45
CA TYR A 136 -8.14 15.85 34.67
C TYR A 136 -7.92 14.97 33.41
N LEU A 137 -8.97 14.76 32.61
CA LEU A 137 -8.81 14.09 31.29
C LEU A 137 -7.80 14.82 30.38
N TYR A 138 -7.98 16.12 30.27
CA TYR A 138 -7.00 17.03 29.66
C TYR A 138 -5.59 16.88 30.27
N GLU A 139 -5.51 16.84 31.58
CA GLU A 139 -4.23 16.75 32.25
C GLU A 139 -3.53 15.45 31.95
N ILE A 140 -4.25 14.33 31.94
CA ILE A 140 -3.61 13.06 31.58
C ILE A 140 -3.20 13.05 30.11
N ALA A 141 -4.13 13.40 29.21
CA ALA A 141 -3.92 13.38 27.76
C ALA A 141 -2.66 14.13 27.34
N ARG A 142 -2.49 15.34 27.86
CA ARG A 142 -1.32 16.19 27.50
C ARG A 142 -0.03 15.59 28.04
N ARG A 143 -0.08 14.94 29.19
CA ARG A 143 1.10 14.23 29.66
C ARG A 143 1.41 12.92 28.90
N HIS A 144 0.40 12.31 28.23
CA HIS A 144 0.55 11.08 27.40
C HIS A 144 0.05 11.24 25.99
N PRO A 145 0.81 11.97 25.17
CA PRO A 145 0.32 12.36 23.86
C PRO A 145 0.19 11.18 22.89
N TYR A 146 0.75 10.01 23.26
CA TYR A 146 0.74 8.82 22.42
C TYR A 146 -0.24 7.72 22.88
N PHE A 147 -0.80 7.86 24.08
CA PHE A 147 -1.75 6.87 24.64
C PHE A 147 -2.96 6.80 23.70
N TYR A 148 -3.37 5.60 23.33
CA TYR A 148 -4.57 5.45 22.50
C TYR A 148 -5.82 6.19 23.08
N ALA A 149 -6.35 7.20 22.36
CA ALA A 149 -7.37 8.08 22.96
C ALA A 149 -8.57 7.32 23.54
N PRO A 150 -9.12 6.35 22.80
CA PRO A 150 -10.26 5.59 23.36
C PRO A 150 -9.93 4.77 24.60
N GLU A 151 -8.69 4.30 24.77
CA GLU A 151 -8.35 3.65 26.05
C GLU A 151 -8.32 4.70 27.24
N LEU A 152 -7.88 5.93 26.94
CA LEU A 152 -7.85 6.97 27.94
C LEU A 152 -9.27 7.32 28.33
N LEU A 153 -10.16 7.25 27.35
CA LEU A 153 -11.57 7.49 27.61
C LEU A 153 -12.12 6.37 28.50
N PHE A 154 -11.71 5.12 28.22
CA PHE A 154 -12.00 3.96 29.08
C PHE A 154 -11.58 4.15 30.55
N PHE A 155 -10.41 4.72 30.79
CA PHE A 155 -9.92 4.98 32.15
C PHE A 155 -10.70 6.06 32.87
N ALA A 156 -11.09 7.10 32.15
CA ALA A 156 -11.89 8.19 32.70
C ALA A 156 -13.19 7.71 33.25
N LYS A 157 -13.82 6.81 32.50
CA LYS A 157 -15.13 6.27 32.85
C LYS A 157 -15.01 5.45 34.11
N ARG A 158 -13.86 4.81 34.32
CA ARG A 158 -13.63 4.04 35.55
C ARG A 158 -13.32 4.98 36.72
N TYR A 159 -12.56 6.05 36.48
CA TYR A 159 -12.38 7.01 37.55
C TYR A 159 -13.73 7.52 38.00
N LYS A 160 -14.53 7.94 37.04
CA LYS A 160 -15.84 8.53 37.34
C LYS A 160 -16.67 7.59 38.19
N ALA A 161 -16.84 6.36 37.71
CA ALA A 161 -17.42 5.25 38.47
C ALA A 161 -16.88 5.15 39.92
N ALA A 162 -15.59 5.40 40.10
CA ALA A 162 -14.95 5.35 41.44
C ALA A 162 -15.41 6.48 42.37
N PHE A 163 -15.55 7.69 41.81
CA PHE A 163 -16.00 8.85 42.58
C PHE A 163 -17.49 8.69 42.91
N THR A 164 -18.29 8.29 41.94
CA THR A 164 -19.74 8.06 42.12
C THR A 164 -20.07 7.05 43.21
N GLU A 165 -19.28 6.00 43.32
CA GLU A 165 -19.47 5.06 44.40
C GLU A 165 -18.98 5.70 45.71
N CYS A 166 -17.70 6.09 45.76
CA CYS A 166 -17.02 6.29 47.05
C CYS A 166 -17.28 7.59 47.80
N CYS A 167 -17.78 8.61 47.10
CA CYS A 167 -17.94 9.94 47.67
C CYS A 167 -19.21 10.08 48.54
N GLN A 168 -20.27 9.28 48.28
CA GLN A 168 -21.45 9.21 49.18
C GLN A 168 -21.42 7.86 49.89
N ALA A 169 -20.66 7.81 50.99
CA ALA A 169 -20.39 6.58 51.75
C ALA A 169 -19.73 6.92 53.10
N ALA A 170 -19.52 5.91 53.95
CA ALA A 170 -19.17 6.14 55.36
C ALA A 170 -17.74 6.63 55.55
N ASP A 171 -16.78 5.91 54.96
CA ASP A 171 -15.37 6.30 55.02
C ASP A 171 -14.79 6.40 53.61
N LYS A 172 -14.86 7.62 53.08
CA LYS A 172 -14.55 7.91 51.70
C LYS A 172 -13.15 7.42 51.30
N ALA A 173 -12.14 7.87 52.04
CA ALA A 173 -10.74 7.60 51.70
C ALA A 173 -10.38 6.11 51.70
N ALA A 174 -10.95 5.31 52.59
CA ALA A 174 -10.68 3.85 52.63
C ALA A 174 -11.33 3.07 51.46
N CYS A 175 -12.35 3.67 50.84
CA CYS A 175 -12.94 3.25 49.56
C CYS A 175 -12.11 3.79 48.41
N LEU A 176 -11.93 5.10 48.38
CA LEU A 176 -11.39 5.79 47.20
C LEU A 176 -9.90 5.56 46.98
N LEU A 177 -9.10 5.57 48.04
CA LEU A 177 -7.64 5.41 47.89
C LEU A 177 -7.19 4.09 47.20
N PRO A 178 -7.79 2.94 47.59
CA PRO A 178 -7.56 1.66 46.87
C PRO A 178 -8.02 1.61 45.42
N LYS A 179 -9.12 2.27 45.11
CA LYS A 179 -9.54 2.40 43.73
C LYS A 179 -8.53 3.21 42.92
N LEU A 180 -8.11 4.35 43.46
CA LEU A 180 -7.18 5.24 42.77
C LEU A 180 -5.76 4.71 42.61
N ASP A 181 -5.25 3.93 43.56
CA ASP A 181 -3.89 3.35 43.42
C ASP A 181 -3.90 2.32 42.30
N GLU A 182 -4.94 1.49 42.28
CA GLU A 182 -5.14 0.47 41.25
C GLU A 182 -5.38 1.12 39.90
N LEU A 183 -6.22 2.16 39.81
CA LEU A 183 -6.31 2.86 38.52
C LEU A 183 -4.94 3.42 38.11
N ARG A 184 -4.28 4.10 39.05
CA ARG A 184 -2.97 4.70 38.80
C ARG A 184 -2.06 3.64 38.22
N ASP A 185 -1.90 2.55 38.96
CA ASP A 185 -1.07 1.42 38.57
C ASP A 185 -1.39 0.91 37.15
N GLU A 186 -2.66 0.53 36.98
CA GLU A 186 -3.19 -0.02 35.74
C GLU A 186 -3.04 0.94 34.57
N GLY A 187 -3.20 2.24 34.82
CA GLY A 187 -2.95 3.29 33.82
C GLY A 187 -1.48 3.45 33.43
N LYS A 188 -0.60 3.41 34.42
CA LYS A 188 0.84 3.40 34.16
C LYS A 188 1.32 2.17 33.33
N ALA A 189 0.77 1.00 33.63
CA ALA A 189 1.09 -0.24 32.91
C ALA A 189 0.51 -0.23 31.50
N SER A 190 -0.68 0.34 31.33
CA SER A 190 -1.25 0.44 29.99
C SER A 190 -0.38 1.29 29.07
N SER A 191 0.08 2.42 29.58
CA SER A 191 0.90 3.39 28.85
C SER A 191 2.19 2.70 28.43
N ALA A 192 2.86 2.02 29.38
CA ALA A 192 4.12 1.31 29.14
C ALA A 192 3.98 0.15 28.14
N LYS A 193 2.87 -0.58 28.19
CA LYS A 193 2.59 -1.65 27.23
C LYS A 193 2.50 -1.10 25.81
N GLN A 194 1.80 0.03 25.63
CA GLN A 194 1.61 0.64 24.30
C GLN A 194 2.94 1.08 23.74
N ARG A 195 3.70 1.74 24.59
CA ARG A 195 5.08 2.08 24.27
C ARG A 195 5.89 0.86 23.90
N LEU A 196 5.88 -0.17 24.74
CA LEU A 196 6.69 -1.39 24.56
C LEU A 196 6.41 -2.02 23.23
N LYS A 197 5.14 -2.12 22.92
CA LYS A 197 4.74 -2.89 21.77
C LYS A 197 5.16 -2.25 20.45
N CYS A 198 5.20 -0.92 20.41
CA CYS A 198 5.74 -0.18 19.25
C CYS A 198 7.28 -0.21 19.21
N ALA A 199 7.94 -0.16 20.37
CA ALA A 199 9.39 -0.28 20.38
C ALA A 199 9.79 -1.65 19.90
N SER A 200 9.19 -2.70 20.45
CA SER A 200 9.39 -4.08 19.99
C SER A 200 9.15 -4.35 18.49
N LEU A 201 8.13 -3.73 17.95
CA LEU A 201 7.92 -3.76 16.51
C LEU A 201 9.14 -3.26 15.73
N GLN A 202 9.67 -2.11 16.10
CA GLN A 202 10.84 -1.53 15.43
C GLN A 202 12.11 -2.31 15.70
N LYS A 203 12.36 -2.67 16.96
CA LYS A 203 13.64 -3.33 17.32
C LYS A 203 13.66 -4.68 16.66
N PHE A 204 12.68 -5.50 17.05
CA PHE A 204 12.64 -6.91 16.73
C PHE A 204 11.97 -7.33 15.45
N GLY A 205 11.30 -6.43 14.74
CA GLY A 205 10.73 -6.75 13.46
C GLY A 205 9.35 -7.42 13.37
N GLU A 206 8.83 -7.35 12.14
CA GLU A 206 7.53 -7.89 11.70
C GLU A 206 7.37 -9.42 11.91
N ARG A 207 8.41 -10.17 11.60
CA ARG A 207 8.45 -11.63 11.85
C ARG A 207 8.14 -11.96 13.32
N ALA A 208 8.96 -11.42 14.21
CA ALA A 208 8.81 -11.56 15.66
C ALA A 208 7.38 -11.18 16.12
N PHE A 209 6.81 -10.14 15.50
CA PHE A 209 5.51 -9.69 15.90
C PHE A 209 4.49 -10.73 15.50
N LYS A 210 4.65 -11.25 14.28
CA LYS A 210 3.75 -12.25 13.77
C LYS A 210 3.83 -13.49 14.60
N ALA A 211 5.03 -13.87 14.99
CA ALA A 211 5.13 -15.05 15.86
C ALA A 211 4.38 -14.84 17.16
N TRP A 212 4.67 -13.73 17.84
CA TRP A 212 3.97 -13.35 19.07
C TRP A 212 2.46 -13.45 18.89
N ALA A 213 1.93 -12.81 17.85
CA ALA A 213 0.52 -12.77 17.63
C ALA A 213 -0.09 -14.16 17.29
N VAL A 214 0.62 -14.99 16.51
CA VAL A 214 0.19 -16.32 16.20
C VAL A 214 0.08 -17.11 17.48
N ALA A 215 1.06 -16.97 18.35
CA ALA A 215 0.97 -17.63 19.67
C ALA A 215 -0.18 -17.10 20.52
N ARG A 216 -0.29 -15.79 20.69
CA ARG A 216 -1.35 -15.27 21.57
C ARG A 216 -2.75 -15.55 21.03
N LEU A 217 -2.91 -15.51 19.70
CA LEU A 217 -4.22 -15.66 19.12
C LEU A 217 -4.71 -17.09 19.20
N SER A 218 -3.78 -18.03 19.00
CA SER A 218 -4.08 -19.43 19.09
C SER A 218 -4.47 -19.87 20.49
N GLN A 219 -3.86 -19.28 21.52
CA GLN A 219 -4.34 -19.52 22.92
C GLN A 219 -5.73 -18.99 23.13
N ARG A 220 -5.98 -17.77 22.66
CA ARG A 220 -7.28 -17.12 22.77
C ARG A 220 -8.43 -17.77 22.04
N PHE A 221 -8.15 -18.24 20.83
CA PHE A 221 -9.13 -18.78 19.92
C PHE A 221 -8.69 -20.14 19.43
N PRO A 222 -8.52 -21.09 20.35
CA PRO A 222 -8.05 -22.40 19.98
C PRO A 222 -8.98 -23.15 18.99
N LYS A 223 -10.29 -22.85 18.96
CA LYS A 223 -11.19 -23.50 17.99
C LYS A 223 -11.00 -23.01 16.55
N ALA A 224 -10.37 -21.83 16.36
CA ALA A 224 -10.11 -21.31 15.02
C ALA A 224 -9.09 -22.13 14.22
N GLU A 225 -9.38 -22.31 12.93
CA GLU A 225 -8.48 -23.06 12.04
C GLU A 225 -7.26 -22.16 11.79
N PHE A 226 -6.12 -22.77 11.45
CA PHE A 226 -4.86 -22.01 11.28
C PHE A 226 -4.93 -20.89 10.23
N ALA A 227 -5.61 -21.14 9.14
CA ALA A 227 -5.83 -20.11 8.12
C ALA A 227 -6.55 -18.89 8.69
N GLU A 228 -7.53 -19.10 9.56
CA GLU A 228 -8.22 -17.97 10.23
C GLU A 228 -7.29 -17.20 11.15
N VAL A 229 -6.52 -17.93 11.95
CA VAL A 229 -5.51 -17.34 12.80
C VAL A 229 -4.52 -16.53 11.92
N SER A 230 -4.06 -17.05 10.80
CA SER A 230 -3.00 -16.34 10.00
C SER A 230 -3.60 -15.14 9.33
N LYS A 231 -4.89 -15.19 9.10
CA LYS A 231 -5.59 -14.05 8.52
C LYS A 231 -5.70 -12.97 9.60
N LEU A 232 -6.05 -13.36 10.80
CA LEU A 232 -6.18 -12.37 11.87
C LEU A 232 -4.83 -11.73 12.07
N VAL A 233 -3.79 -12.53 12.18
CA VAL A 233 -2.46 -12.04 12.48
C VAL A 233 -1.96 -11.11 11.36
N THR A 234 -2.25 -11.42 10.13
CA THR A 234 -1.85 -10.54 9.01
C THR A 234 -2.57 -9.18 9.06
N ASP A 235 -3.86 -9.17 9.38
CA ASP A 235 -4.57 -7.89 9.58
C ASP A 235 -4.15 -7.17 10.87
N LEU A 236 -3.74 -7.93 11.89
CA LEU A 236 -3.32 -7.34 13.16
C LEU A 236 -1.99 -6.59 12.96
N THR A 237 -1.11 -7.19 12.17
CA THR A 237 0.19 -6.64 11.85
C THR A 237 0.05 -5.31 11.15
N LYS A 238 -0.77 -5.29 10.10
CA LYS A 238 -1.18 -4.00 9.46
C LYS A 238 -1.63 -2.96 10.51
N VAL A 239 -2.54 -3.36 11.38
CA VAL A 239 -3.20 -2.44 12.30
C VAL A 239 -2.22 -1.87 13.30
N HIS A 240 -1.48 -2.76 13.95
CA HIS A 240 -0.49 -2.36 14.90
C HIS A 240 0.63 -1.52 14.24
N THR A 241 1.04 -1.91 13.05
CA THR A 241 1.96 -1.12 12.24
C THR A 241 1.46 0.31 12.00
N GLU A 242 0.17 0.46 11.67
CA GLU A 242 -0.45 1.78 11.46
C GLU A 242 -0.61 2.54 12.81
N CYS A 243 -1.08 1.86 13.85
CA CYS A 243 -1.25 2.50 15.14
C CYS A 243 0.06 3.04 15.72
N CYS A 244 1.17 2.35 15.43
CA CYS A 244 2.47 2.75 15.95
C CYS A 244 2.97 3.98 15.19
N HIS A 245 2.64 4.09 13.92
CA HIS A 245 2.95 5.30 13.17
C HIS A 245 2.18 6.54 13.74
N GLY A 246 1.07 6.31 14.42
CA GLY A 246 0.55 7.25 15.41
C GLY A 246 -0.66 8.08 15.06
N ASP A 247 -1.22 7.88 13.88
CA ASP A 247 -2.36 8.64 13.40
C ASP A 247 -3.66 8.02 14.00
N LEU A 248 -4.28 8.72 14.95
CA LEU A 248 -5.41 8.18 15.73
C LEU A 248 -6.50 7.68 14.90
N LEU A 249 -6.93 8.48 13.92
CA LEU A 249 -8.07 8.16 13.10
C LEU A 249 -7.82 6.87 12.27
N GLU A 250 -6.66 6.82 11.60
CA GLU A 250 -6.32 5.66 10.78
C GLU A 250 -6.25 4.40 11.65
N CYS A 251 -5.66 4.52 12.84
CA CYS A 251 -5.57 3.43 13.84
C CYS A 251 -6.95 2.95 14.26
N ALA A 252 -7.88 3.89 14.32
CA ALA A 252 -9.17 3.61 14.94
C ALA A 252 -10.06 2.94 13.93
N ASP A 253 -9.99 3.42 12.71
CA ASP A 253 -10.61 2.73 11.58
C ASP A 253 -10.03 1.36 11.32
N ASP A 254 -8.71 1.21 11.38
CA ASP A 254 -8.13 -0.13 11.24
C ASP A 254 -8.59 -1.06 12.36
N ARG A 255 -8.68 -0.56 13.59
CA ARG A 255 -9.07 -1.44 14.70
C ARG A 255 -10.55 -1.77 14.55
N ALA A 256 -11.34 -0.80 14.07
CA ALA A 256 -12.77 -0.98 13.87
C ALA A 256 -13.02 -1.96 12.75
N ASP A 257 -12.23 -1.88 11.68
CA ASP A 257 -12.35 -2.84 10.58
C ASP A 257 -12.05 -4.25 11.06
N LEU A 258 -11.06 -4.41 11.94
CA LEU A 258 -10.75 -5.76 12.45
C LEU A 258 -11.87 -6.29 13.31
N ALA A 259 -12.34 -5.44 14.20
CA ALA A 259 -13.35 -5.85 15.14
C ALA A 259 -14.66 -6.24 14.46
N LYS A 260 -14.98 -5.50 13.40
CA LYS A 260 -16.14 -5.73 12.54
C LYS A 260 -15.97 -7.08 11.83
N TYR A 261 -14.82 -7.29 11.16
CA TYR A 261 -14.51 -8.59 10.55
C TYR A 261 -14.57 -9.74 11.59
N ILE A 262 -13.92 -9.54 12.73
CA ILE A 262 -13.98 -10.58 13.80
C ILE A 262 -15.44 -10.82 14.21
N CYS A 263 -16.23 -9.77 14.37
CA CYS A 263 -17.59 -9.94 14.89
C CYS A 263 -18.53 -10.57 13.88
N GLU A 264 -18.20 -10.38 12.61
CA GLU A 264 -18.94 -10.99 11.53
C GLU A 264 -18.49 -12.44 11.31
N ASN A 265 -17.44 -12.92 11.96
CA ASN A 265 -16.98 -14.29 11.79
C ASN A 265 -16.81 -14.98 13.14
N GLN A 266 -17.73 -14.72 14.06
CA GLN A 266 -17.56 -15.26 15.42
C GLN A 266 -17.46 -16.75 15.41
N ASP A 267 -18.41 -17.38 14.71
CA ASP A 267 -18.57 -18.84 14.68
C ASP A 267 -17.33 -19.53 14.15
N SER A 268 -16.63 -18.86 13.22
CA SER A 268 -15.32 -19.29 12.71
C SER A 268 -14.09 -19.02 13.62
N ILE A 269 -14.29 -18.29 14.73
CA ILE A 269 -13.21 -17.78 15.57
C ILE A 269 -13.35 -18.21 17.03
N SER A 270 -14.42 -17.81 17.69
CA SER A 270 -14.55 -18.05 19.15
C SER A 270 -15.96 -17.88 19.69
N SER A 271 -16.29 -18.76 20.61
CA SER A 271 -17.63 -18.78 21.24
C SER A 271 -17.78 -17.77 22.37
N LYS A 272 -16.71 -17.00 22.68
CA LYS A 272 -16.72 -16.02 23.79
C LYS A 272 -16.93 -14.57 23.37
N LEU A 273 -17.25 -14.32 22.13
CA LEU A 273 -17.28 -12.96 21.53
C LEU A 273 -18.63 -12.32 21.43
N LYS A 274 -19.67 -12.99 21.91
CA LYS A 274 -21.05 -12.50 21.79
C LYS A 274 -21.22 -11.13 22.46
N GLU A 275 -20.78 -11.06 23.71
CA GLU A 275 -20.97 -9.86 24.52
C GLU A 275 -20.16 -8.66 24.02
N CYS A 276 -18.92 -8.90 23.57
CA CYS A 276 -18.12 -7.84 22.87
C CYS A 276 -18.70 -7.36 21.57
N CYS A 277 -19.30 -8.29 20.84
CA CYS A 277 -19.80 -7.99 19.50
C CYS A 277 -21.15 -7.27 19.54
N GLU A 278 -21.85 -7.38 20.67
CA GLU A 278 -23.07 -6.62 20.93
C GLU A 278 -22.81 -5.16 21.38
N LYS A 279 -21.56 -4.80 21.71
CA LYS A 279 -21.23 -3.44 22.22
C LYS A 279 -21.10 -2.42 21.10
N PRO A 280 -21.13 -1.11 21.42
CA PRO A 280 -21.03 -0.14 20.32
C PRO A 280 -19.59 0.01 19.81
N LEU A 281 -19.45 0.66 18.67
CA LEU A 281 -18.18 0.71 18.00
C LEU A 281 -17.03 0.95 18.98
N LEU A 282 -17.20 1.97 19.82
CA LEU A 282 -16.14 2.46 20.69
C LEU A 282 -15.48 1.44 21.59
N GLU A 283 -16.27 0.54 22.15
CA GLU A 283 -15.78 -0.51 23.07
C GLU A 283 -15.50 -1.89 22.46
N LYS A 284 -16.00 -2.15 21.24
CA LYS A 284 -15.94 -3.50 20.65
C LYS A 284 -14.52 -4.03 20.67
N SER A 285 -13.65 -3.35 19.94
CA SER A 285 -12.25 -3.72 19.81
C SER A 285 -11.54 -3.82 21.15
N HIS A 286 -11.88 -2.94 22.10
CA HIS A 286 -11.34 -3.02 23.43
C HIS A 286 -11.76 -4.28 24.14
N CYS A 287 -13.06 -4.58 24.11
CA CYS A 287 -13.56 -5.84 24.67
C CYS A 287 -12.95 -7.06 23.96
N ILE A 288 -12.90 -7.04 22.65
CA ILE A 288 -12.35 -8.22 21.99
C ILE A 288 -10.88 -8.48 22.39
N ALA A 289 -10.05 -7.43 22.47
CA ALA A 289 -8.66 -7.58 22.86
C ALA A 289 -8.46 -8.25 24.23
N GLU A 290 -9.43 -8.04 25.13
CA GLU A 290 -9.44 -8.60 26.49
C GLU A 290 -10.25 -9.87 26.69
N VAL A 291 -10.89 -10.40 25.64
CA VAL A 291 -11.80 -11.51 25.84
C VAL A 291 -11.04 -12.74 26.43
N GLU A 292 -11.81 -13.58 27.13
CA GLU A 292 -11.29 -14.79 27.78
C GLU A 292 -10.96 -15.82 26.73
N ASN A 293 -10.04 -16.71 27.08
CA ASN A 293 -9.66 -17.78 26.21
C ASN A 293 -10.88 -18.69 25.97
N ASP A 294 -11.05 -19.12 24.72
CA ASP A 294 -12.06 -20.08 24.41
C ASP A 294 -11.52 -21.40 24.93
N GLU A 295 -12.41 -22.35 25.13
CA GLU A 295 -11.99 -23.67 25.60
C GLU A 295 -11.44 -24.36 24.36
N MET A 296 -10.38 -25.13 24.53
CA MET A 296 -9.77 -25.81 23.38
C MET A 296 -10.67 -26.96 23.00
N PRO A 297 -10.68 -27.35 21.72
CA PRO A 297 -11.36 -28.60 21.36
C PRO A 297 -10.94 -29.78 22.26
N ALA A 298 -11.90 -30.61 22.63
CA ALA A 298 -11.76 -31.49 23.81
C ALA A 298 -10.80 -32.68 23.66
N ASP A 299 -10.58 -33.19 22.45
CA ASP A 299 -9.71 -34.35 22.25
C ASP A 299 -8.78 -34.11 21.07
N LEU A 300 -7.81 -33.23 21.28
CA LEU A 300 -6.85 -32.84 20.24
C LEU A 300 -5.75 -33.87 20.20
N PRO A 301 -5.23 -34.13 19.00
CA PRO A 301 -4.11 -35.08 18.87
C PRO A 301 -2.77 -34.58 19.43
N SER A 302 -1.83 -35.52 19.54
CA SER A 302 -0.41 -35.23 19.76
C SER A 302 0.22 -34.50 18.56
N LEU A 303 1.17 -33.64 18.85
CA LEU A 303 1.91 -32.89 17.82
C LEU A 303 3.09 -33.65 17.18
N ALA A 304 3.49 -34.79 17.75
CA ALA A 304 4.54 -35.66 17.15
C ALA A 304 4.20 -36.10 15.73
N ALA A 305 2.94 -36.42 15.46
CA ALA A 305 2.51 -36.85 14.10
C ALA A 305 2.88 -35.90 12.95
N ASP A 306 2.46 -34.64 12.99
CA ASP A 306 2.74 -33.68 11.89
C ASP A 306 4.13 -33.08 11.96
N PHE A 307 4.67 -32.96 13.17
CA PHE A 307 5.96 -32.29 13.39
C PHE A 307 7.17 -33.16 13.73
N VAL A 308 6.99 -34.43 14.05
CA VAL A 308 8.14 -35.33 14.31
C VAL A 308 8.13 -36.59 13.45
N GLU A 309 7.01 -37.33 13.52
CA GLU A 309 6.87 -38.67 12.94
C GLU A 309 6.65 -38.73 11.44
N SER A 310 5.84 -37.85 10.86
CA SER A 310 5.61 -37.90 9.42
C SER A 310 6.91 -37.72 8.63
N LYS A 311 7.06 -38.49 7.54
CA LYS A 311 8.01 -38.18 6.47
C LYS A 311 7.52 -36.88 5.86
N ASP A 312 8.39 -36.16 5.18
CA ASP A 312 8.01 -34.82 4.68
C ASP A 312 7.86 -33.73 5.78
N VAL A 313 8.38 -33.95 6.99
CA VAL A 313 8.51 -32.81 7.92
C VAL A 313 9.42 -31.78 7.19
N CYS A 314 10.59 -32.26 6.75
CA CYS A 314 11.57 -31.45 6.02
C CYS A 314 11.02 -30.88 4.73
N LYS A 315 10.28 -31.67 3.98
CA LYS A 315 9.62 -31.24 2.74
C LYS A 315 8.66 -30.11 3.02
N ASN A 316 7.76 -30.33 3.98
CA ASN A 316 6.77 -29.33 4.36
C ASN A 316 7.41 -28.10 4.89
N TYR A 317 8.44 -28.32 5.72
CA TYR A 317 9.24 -27.22 6.24
C TYR A 317 9.90 -26.41 5.12
N ALA A 318 10.65 -27.06 4.24
CA ALA A 318 11.45 -26.34 3.23
C ALA A 318 10.62 -25.49 2.25
N GLU A 319 9.37 -25.88 2.05
CA GLU A 319 8.48 -25.34 1.06
C GLU A 319 7.95 -23.97 1.49
N ALA A 320 7.89 -23.74 2.79
CA ALA A 320 7.38 -22.47 3.35
C ALA A 320 7.69 -22.50 4.86
N LYS A 321 8.88 -22.04 5.20
CA LYS A 321 9.46 -22.27 6.52
C LYS A 321 8.66 -21.54 7.58
N ASP A 322 8.27 -20.30 7.28
CA ASP A 322 7.54 -19.52 8.22
C ASP A 322 6.14 -20.05 8.36
N VAL A 323 5.55 -20.58 7.28
CA VAL A 323 4.20 -21.12 7.38
C VAL A 323 4.26 -22.39 8.26
N PHE A 324 5.17 -23.29 7.94
CA PHE A 324 5.35 -24.49 8.82
C PHE A 324 5.56 -24.18 10.32
N LEU A 325 6.50 -23.29 10.63
CA LEU A 325 6.77 -22.90 11.99
C LEU A 325 5.59 -22.18 12.68
N GLY A 326 4.91 -21.31 11.92
CA GLY A 326 3.62 -20.80 12.31
C GLY A 326 2.59 -21.87 12.69
N MET A 327 2.48 -22.92 11.89
CA MET A 327 1.61 -24.02 12.19
C MET A 327 2.00 -24.74 13.48
N PHE A 328 3.29 -24.99 13.65
CA PHE A 328 3.80 -25.64 14.84
C PHE A 328 3.41 -24.79 16.06
N LEU A 329 3.59 -23.48 15.93
CA LEU A 329 3.32 -22.52 17.02
C LEU A 329 1.83 -22.47 17.33
N TYR A 330 1.02 -22.32 16.30
CA TYR A 330 -0.44 -22.44 16.43
C TYR A 330 -0.86 -23.69 17.18
N GLU A 331 -0.36 -24.85 16.73
CA GLU A 331 -0.82 -26.11 17.31
C GLU A 331 -0.33 -26.24 18.76
N TYR A 332 0.93 -25.89 19.02
CA TYR A 332 1.45 -25.90 20.42
C TYR A 332 0.68 -24.88 21.34
N ALA A 333 0.56 -23.65 20.86
CA ALA A 333 -0.11 -22.58 21.60
C ALA A 333 -1.56 -22.91 21.95
N ARG A 334 -2.33 -23.46 21.00
CA ARG A 334 -3.76 -23.72 21.33
C ARG A 334 -3.91 -24.81 22.39
N ARG A 335 -2.90 -25.69 22.46
CA ARG A 335 -2.86 -26.72 23.52
C ARG A 335 -2.41 -26.20 24.86
N HIS A 336 -1.71 -25.05 24.87
CA HIS A 336 -1.11 -24.49 26.09
C HIS A 336 -1.47 -23.07 26.48
N PRO A 337 -2.72 -22.83 26.91
CA PRO A 337 -3.10 -21.51 27.50
C PRO A 337 -2.30 -21.13 28.76
N ASP A 338 -1.80 -22.14 29.46
CA ASP A 338 -1.01 -21.99 30.64
C ASP A 338 0.42 -21.52 30.41
N TYR A 339 0.88 -21.48 29.15
CA TYR A 339 2.24 -21.10 28.86
C TYR A 339 2.32 -19.62 28.61
N SER A 340 3.47 -19.03 28.94
CA SER A 340 3.71 -17.71 28.47
C SER A 340 3.87 -17.80 26.94
N VAL A 341 3.37 -16.82 26.21
CA VAL A 341 3.78 -16.67 24.85
C VAL A 341 5.28 -16.81 24.60
N VAL A 342 6.11 -16.13 25.39
CA VAL A 342 7.55 -16.16 25.16
C VAL A 342 8.12 -17.57 25.28
N LEU A 343 7.55 -18.37 26.19
CA LEU A 343 7.92 -19.77 26.28
C LEU A 343 7.46 -20.49 25.01
N LEU A 344 6.29 -20.13 24.49
CA LEU A 344 5.85 -20.77 23.23
C LEU A 344 6.82 -20.42 22.05
N LEU A 345 7.39 -19.22 22.05
CA LEU A 345 8.38 -18.80 21.04
C LEU A 345 9.76 -19.40 21.23
N ARG A 346 10.15 -19.66 22.48
CA ARG A 346 11.38 -20.43 22.75
C ARG A 346 11.35 -21.81 22.10
N LEU A 347 10.27 -22.52 22.38
CA LEU A 347 9.92 -23.80 21.84
C LEU A 347 9.86 -23.85 20.32
N ALA A 348 9.20 -22.86 19.70
CA ALA A 348 9.24 -22.70 18.26
C ALA A 348 10.66 -22.48 17.70
N LYS A 349 11.44 -21.65 18.32
CA LYS A 349 12.78 -21.41 17.85
C LYS A 349 13.65 -22.66 18.06
N THR A 350 13.36 -23.44 19.12
CA THR A 350 14.11 -24.71 19.35
C THR A 350 13.78 -25.68 18.24
N TYR A 351 12.51 -25.74 17.85
CA TYR A 351 12.13 -26.56 16.71
C TYR A 351 12.78 -26.11 15.36
N GLU A 352 12.80 -24.80 15.13
CA GLU A 352 13.40 -24.20 13.91
C GLU A 352 14.84 -24.59 13.86
N THR A 353 15.51 -24.42 14.97
CA THR A 353 16.97 -24.62 15.01
C THR A 353 17.30 -26.08 14.69
N THR A 354 16.50 -27.00 15.21
CA THR A 354 16.71 -28.41 14.99
C THR A 354 16.37 -28.79 13.55
N LEU A 355 15.29 -28.23 12.99
CA LEU A 355 14.97 -28.50 11.57
C LEU A 355 16.08 -28.03 10.70
N GLU A 356 16.63 -26.87 11.02
CA GLU A 356 17.67 -26.26 10.20
C GLU A 356 18.89 -27.14 10.17
N LYS A 357 19.25 -27.69 11.34
CA LYS A 357 20.33 -28.66 11.48
C LYS A 357 20.00 -29.99 10.83
N CYS A 358 18.85 -30.53 11.19
CA CYS A 358 18.49 -31.90 10.84
C CYS A 358 18.05 -32.15 9.41
N CYS A 359 17.41 -31.19 8.74
CA CYS A 359 17.00 -31.40 7.37
C CYS A 359 18.19 -31.47 6.35
N ALA A 360 19.36 -30.95 6.71
CA ALA A 360 20.59 -31.12 5.95
C ALA A 360 21.12 -32.56 6.00
N ALA A 361 21.29 -33.07 7.23
CA ALA A 361 21.84 -34.42 7.48
C ALA A 361 21.15 -35.50 6.62
N ALA A 362 21.85 -36.62 6.37
CA ALA A 362 21.35 -37.66 5.47
C ALA A 362 20.11 -38.35 6.03
N ASP A 363 20.02 -38.51 7.35
CA ASP A 363 18.80 -39.01 7.99
C ASP A 363 18.22 -37.97 8.98
N PRO A 364 17.47 -36.98 8.44
CA PRO A 364 16.84 -35.99 9.32
C PRO A 364 16.03 -36.61 10.44
N HIS A 365 15.31 -37.66 10.10
CA HIS A 365 14.37 -38.28 11.01
C HIS A 365 15.00 -38.70 12.36
N GLU A 366 16.17 -39.35 12.32
CA GLU A 366 16.86 -39.73 13.58
C GLU A 366 17.33 -38.50 14.33
N CYS A 367 17.81 -37.53 13.54
CA CYS A 367 18.38 -36.30 14.04
C CYS A 367 17.37 -35.53 14.94
N TYR A 368 16.16 -35.28 14.45
CA TYR A 368 15.16 -34.46 15.19
C TYR A 368 14.13 -35.27 16.03
N ALA A 369 14.34 -36.58 16.08
CA ALA A 369 13.46 -37.49 16.80
C ALA A 369 13.35 -37.08 18.27
N LYS A 370 14.42 -36.60 18.87
CA LYS A 370 14.40 -36.15 20.27
C LYS A 370 14.19 -34.64 20.50
N VAL A 371 13.64 -33.91 19.52
CA VAL A 371 13.38 -32.48 19.72
C VAL A 371 12.37 -32.17 20.84
N PHE A 372 11.33 -32.97 21.00
CA PHE A 372 10.37 -32.72 22.05
C PHE A 372 10.99 -32.79 23.46
N ASP A 373 12.00 -33.64 23.63
CA ASP A 373 12.80 -33.66 24.88
C ASP A 373 13.44 -32.33 25.21
N GLU A 374 13.87 -31.61 24.17
CA GLU A 374 14.50 -30.31 24.34
C GLU A 374 13.51 -29.28 24.89
N PHE A 375 12.22 -29.54 24.72
CA PHE A 375 11.20 -28.63 25.29
C PHE A 375 11.10 -28.72 26.82
N LYS A 376 11.34 -29.90 27.38
CA LYS A 376 11.28 -30.16 28.82
C LYS A 376 12.00 -29.09 29.66
N PRO A 377 13.34 -28.99 29.58
CA PRO A 377 13.97 -27.94 30.38
C PRO A 377 13.42 -26.54 30.12
N LEU A 378 13.07 -26.26 28.87
CA LEU A 378 12.53 -24.94 28.53
C LEU A 378 11.28 -24.63 29.28
N VAL A 379 10.34 -25.55 29.32
CA VAL A 379 9.10 -25.39 30.11
C VAL A 379 9.34 -25.29 31.60
N GLU A 380 10.18 -26.17 32.15
CA GLU A 380 10.38 -26.22 33.60
C GLU A 380 11.13 -25.04 34.21
N GLU A 381 11.94 -24.34 33.44
CA GLU A 381 12.68 -23.23 33.99
C GLU A 381 11.71 -22.15 34.53
N PRO A 382 10.79 -21.64 33.68
CA PRO A 382 9.84 -20.65 34.20
C PRO A 382 8.89 -21.23 35.23
N GLN A 383 8.44 -22.45 35.04
CA GLN A 383 7.50 -23.04 36.02
C GLN A 383 8.09 -23.08 37.44
N ASN A 384 9.37 -23.41 37.57
CA ASN A 384 10.01 -23.50 38.89
C ASN A 384 10.32 -22.15 39.52
N LEU A 385 10.81 -21.20 38.71
CA LEU A 385 11.00 -19.85 39.17
C LEU A 385 9.73 -19.33 39.77
N ILE A 386 8.62 -19.59 39.09
CA ILE A 386 7.31 -19.17 39.58
C ILE A 386 6.90 -19.99 40.84
N LYS A 387 7.11 -21.31 40.82
CA LYS A 387 6.96 -22.13 42.05
C LYS A 387 7.58 -21.40 43.21
N GLN A 388 8.90 -21.26 43.12
CA GLN A 388 9.81 -20.83 44.17
C GLN A 388 9.42 -19.42 44.63
N ASN A 389 9.23 -18.50 43.69
CA ASN A 389 8.95 -17.13 44.07
C ASN A 389 7.56 -16.93 44.75
N CYS A 390 6.53 -17.66 44.33
CA CYS A 390 5.20 -17.60 45.04
C CYS A 390 5.23 -18.25 46.40
N GLU A 391 5.91 -19.40 46.51
CA GLU A 391 6.09 -20.04 47.82
C GLU A 391 6.79 -19.10 48.81
N LEU A 392 7.89 -18.49 48.35
CA LEU A 392 8.53 -17.43 49.10
C LEU A 392 7.58 -16.27 49.44
N PHE A 393 6.84 -15.79 48.43
CA PHE A 393 5.89 -14.72 48.69
C PHE A 393 4.86 -15.08 49.79
N GLU A 394 4.41 -16.32 49.81
CA GLU A 394 3.40 -16.74 50.79
C GLU A 394 3.97 -16.73 52.23
N GLN A 395 5.18 -17.26 52.42
CA GLN A 395 5.82 -17.32 53.74
C GLN A 395 6.06 -15.95 54.34
N LEU A 396 6.78 -15.11 53.59
CA LEU A 396 7.17 -13.77 54.02
C LEU A 396 6.52 -12.84 53.03
N GLY A 397 5.40 -12.23 53.42
CA GLY A 397 4.46 -11.56 52.49
C GLY A 397 4.99 -10.44 51.58
N GLU A 398 4.06 -9.69 51.00
CA GLU A 398 4.44 -8.76 49.95
C GLU A 398 5.65 -7.86 50.35
N TYR A 399 5.49 -7.15 51.45
CA TYR A 399 6.53 -6.28 51.95
C TYR A 399 7.87 -7.01 52.21
N LYS A 400 7.82 -8.16 52.85
CA LYS A 400 9.04 -8.90 53.17
C LYS A 400 9.57 -9.60 51.91
N PHE A 401 8.64 -9.99 51.03
CA PHE A 401 9.02 -10.55 49.74
C PHE A 401 9.81 -9.52 48.97
N GLN A 402 9.39 -8.24 49.05
CA GLN A 402 10.10 -7.18 48.36
C GLN A 402 11.55 -7.09 48.87
N ASN A 403 11.72 -7.30 50.16
CA ASN A 403 13.02 -7.11 50.79
C ASN A 403 13.97 -8.23 50.40
N ALA A 404 13.44 -9.44 50.32
CA ALA A 404 14.12 -10.58 49.65
C ALA A 404 14.56 -10.29 48.20
N LEU A 405 13.64 -9.77 47.37
CA LEU A 405 13.99 -9.45 45.98
C LEU A 405 15.10 -8.42 45.97
N LEU A 406 15.02 -7.48 46.92
CA LEU A 406 15.88 -6.30 46.99
C LEU A 406 17.35 -6.66 47.32
N VAL A 407 17.51 -7.62 48.23
CA VAL A 407 18.84 -8.15 48.53
C VAL A 407 19.37 -8.93 47.34
N ARG A 408 18.58 -9.85 46.80
CA ARG A 408 18.97 -10.65 45.61
C ARG A 408 19.57 -9.79 44.48
N TYR A 409 18.78 -8.82 44.00
CA TYR A 409 19.12 -7.97 42.86
C TYR A 409 20.22 -7.00 43.13
N THR A 410 20.23 -6.38 44.31
CA THR A 410 21.33 -5.52 44.72
C THR A 410 22.72 -6.19 44.68
N LYS A 411 22.83 -7.38 45.23
CA LYS A 411 24.04 -8.18 45.03
C LYS A 411 24.38 -8.58 43.54
N LYS A 412 23.37 -8.84 42.69
CA LYS A 412 23.67 -9.18 41.29
C LYS A 412 24.13 -7.98 40.48
N VAL A 413 23.52 -6.81 40.74
CA VAL A 413 23.84 -5.62 40.00
C VAL A 413 23.92 -4.42 40.95
N PRO A 414 24.96 -4.40 41.83
CA PRO A 414 25.08 -3.31 42.80
C PRO A 414 25.31 -1.98 42.15
N GLN A 415 25.66 -1.95 40.88
CA GLN A 415 25.94 -0.67 40.23
C GLN A 415 24.68 0.19 39.95
N VAL A 416 23.50 -0.43 40.07
CA VAL A 416 22.23 0.23 39.74
C VAL A 416 21.83 1.15 40.89
N SER A 417 21.32 2.32 40.53
CA SER A 417 20.82 3.32 41.47
C SER A 417 19.90 2.73 42.53
N THR A 418 19.94 3.29 43.72
CA THR A 418 19.11 2.79 44.80
C THR A 418 17.60 2.95 44.53
N PRO A 419 17.13 4.17 44.18
CA PRO A 419 15.73 4.30 43.74
C PRO A 419 15.31 3.26 42.69
N THR A 420 16.17 2.98 41.71
CA THR A 420 15.79 2.01 40.70
C THR A 420 15.62 0.64 41.33
N LEU A 421 16.56 0.23 42.19
CA LEU A 421 16.46 -1.10 42.79
C LEU A 421 15.22 -1.23 43.64
N VAL A 422 14.96 -0.23 44.48
CA VAL A 422 13.72 -0.14 45.30
C VAL A 422 12.46 -0.25 44.43
N GLU A 423 12.31 0.62 43.44
CA GLU A 423 11.11 0.65 42.63
C GLU A 423 10.88 -0.66 41.87
N VAL A 424 11.91 -1.22 41.25
CA VAL A 424 11.66 -2.45 40.49
C VAL A 424 11.42 -3.65 41.42
N SER A 425 12.06 -3.65 42.59
CA SER A 425 11.75 -4.68 43.57
C SER A 425 10.37 -4.44 44.17
N ARG A 426 10.01 -3.19 44.43
CA ARG A 426 8.62 -2.94 44.79
C ARG A 426 7.68 -3.52 43.70
N ASN A 427 7.84 -3.08 42.46
CA ASN A 427 7.02 -3.57 41.31
C ASN A 427 7.00 -5.11 41.13
N LEU A 428 8.17 -5.74 41.13
CA LEU A 428 8.21 -7.21 41.09
C LEU A 428 7.35 -7.87 42.19
N GLY A 429 7.46 -7.30 43.39
CA GLY A 429 6.65 -7.73 44.53
C GLY A 429 5.17 -7.58 44.33
N LYS A 430 4.73 -6.52 43.68
CA LYS A 430 3.31 -6.39 43.34
C LYS A 430 2.83 -7.44 42.33
N VAL A 431 3.70 -7.77 41.38
CA VAL A 431 3.38 -8.82 40.41
C VAL A 431 3.34 -10.16 41.11
N GLY A 432 4.14 -10.32 42.16
CA GLY A 432 3.93 -11.45 43.08
C GLY A 432 2.53 -11.53 43.69
N SER A 433 2.04 -10.44 44.27
CA SER A 433 0.76 -10.43 45.01
C SER A 433 -0.34 -10.91 44.08
N LYS A 434 -0.46 -10.18 42.97
CA LYS A 434 -1.41 -10.47 41.87
C LYS A 434 -1.35 -11.92 41.35
N CYS A 435 -0.23 -12.31 40.75
CA CYS A 435 -0.14 -13.58 40.02
C CYS A 435 -0.06 -14.81 40.88
N CYS A 436 0.57 -14.75 42.06
CA CYS A 436 0.51 -15.93 42.97
C CYS A 436 -0.92 -16.25 43.54
N LYS A 437 -1.91 -15.39 43.31
CA LYS A 437 -3.35 -15.67 43.62
C LYS A 437 -4.05 -16.52 42.56
N HIS A 438 -3.48 -16.57 41.36
CA HIS A 438 -3.89 -17.50 40.34
C HIS A 438 -3.35 -18.90 40.59
N PRO A 439 -4.12 -19.93 40.23
CA PRO A 439 -3.55 -21.29 40.22
C PRO A 439 -2.36 -21.41 39.23
N GLU A 440 -1.48 -22.38 39.44
CA GLU A 440 -0.28 -22.56 38.59
C GLU A 440 -0.61 -22.33 37.11
N ALA A 441 -1.58 -23.10 36.61
CA ALA A 441 -2.02 -23.11 35.21
C ALA A 441 -2.39 -21.73 34.62
N LYS A 442 -2.67 -20.73 35.46
CA LYS A 442 -2.88 -19.36 34.99
C LYS A 442 -1.70 -18.42 35.28
N ARG A 443 -0.68 -18.90 35.98
CA ARG A 443 0.34 -17.99 36.51
C ARG A 443 1.32 -17.51 35.48
N MET A 444 1.88 -18.42 34.68
CA MET A 444 2.89 -18.01 33.69
C MET A 444 2.30 -16.90 32.85
N PRO A 445 1.05 -17.04 32.35
CA PRO A 445 0.53 -15.88 31.61
C PRO A 445 0.57 -14.59 32.39
N CYS A 446 0.13 -14.63 33.66
CA CYS A 446 0.05 -13.41 34.52
C CYS A 446 1.45 -12.81 34.71
N ALA A 447 2.40 -13.67 35.07
CA ALA A 447 3.83 -13.29 35.09
C ALA A 447 4.24 -12.47 33.85
N GLU A 448 4.07 -13.06 32.68
CA GLU A 448 4.56 -12.48 31.44
C GLU A 448 4.12 -11.07 31.14
N ASP A 449 2.83 -10.81 31.26
CA ASP A 449 2.27 -9.52 30.83
C ASP A 449 2.82 -8.35 31.69
N TYR A 450 2.94 -8.62 32.99
CA TYR A 450 3.37 -7.59 33.92
C TYR A 450 4.89 -7.52 33.98
N LEU A 451 5.55 -8.67 33.92
CA LEU A 451 6.97 -8.68 33.95
C LEU A 451 7.50 -8.05 32.69
N SER A 452 6.85 -8.30 31.55
CA SER A 452 7.27 -7.65 30.31
C SER A 452 7.41 -6.13 30.50
N VAL A 453 6.44 -5.52 31.19
CA VAL A 453 6.49 -4.07 31.45
C VAL A 453 7.47 -3.62 32.55
N VAL A 454 7.65 -4.46 33.58
CA VAL A 454 8.68 -4.16 34.54
C VAL A 454 10.10 -4.20 33.91
N LEU A 455 10.33 -5.16 33.01
CA LEU A 455 11.65 -5.35 32.40
C LEU A 455 11.94 -4.30 31.38
N ASN A 456 10.98 -3.95 30.52
CA ASN A 456 11.19 -2.83 29.59
C ASN A 456 11.41 -1.48 30.31
N GLN A 457 10.60 -1.18 31.33
CA GLN A 457 10.82 -0.01 32.17
C GLN A 457 12.28 0.03 32.57
N LEU A 458 12.72 -1.09 33.16
CA LEU A 458 14.07 -1.30 33.63
C LEU A 458 15.11 -0.94 32.57
N CYS A 459 14.95 -1.51 31.37
CA CYS A 459 15.85 -1.28 30.26
C CYS A 459 15.87 0.14 29.64
N VAL A 460 14.73 0.82 29.63
CA VAL A 460 14.66 2.17 29.09
C VAL A 460 15.41 3.09 30.06
N LEU A 461 15.11 2.99 31.35
CA LEU A 461 15.84 3.75 32.35
C LEU A 461 17.33 3.51 32.14
N HIS A 462 17.72 2.24 32.18
CA HIS A 462 19.14 1.89 32.02
C HIS A 462 19.78 2.32 30.71
N GLU A 463 19.02 2.40 29.62
CA GLU A 463 19.56 2.91 28.36
C GLU A 463 19.81 4.41 28.50
N LYS A 464 18.97 5.12 29.25
CA LYS A 464 19.17 6.58 29.45
C LYS A 464 20.47 6.89 30.21
N THR A 465 20.71 6.19 31.34
CA THR A 465 21.98 6.35 32.09
C THR A 465 22.62 5.00 32.42
N PRO A 466 23.31 4.38 31.43
CA PRO A 466 23.88 3.05 31.68
C PRO A 466 24.90 3.03 32.80
N VAL A 467 25.24 1.82 33.22
CA VAL A 467 25.79 1.59 34.54
C VAL A 467 26.36 0.18 34.64
N SER A 468 25.71 -0.80 34.01
CA SER A 468 26.15 -2.17 34.01
C SER A 468 26.06 -2.78 32.62
N ASP A 469 27.20 -3.18 32.09
CA ASP A 469 27.27 -3.93 30.84
C ASP A 469 26.39 -5.20 30.82
N ARG A 470 26.16 -5.78 32.01
CA ARG A 470 25.34 -6.96 32.16
C ARG A 470 23.85 -6.70 32.06
N VAL A 471 23.40 -5.63 32.69
CA VAL A 471 22.05 -5.14 32.47
C VAL A 471 21.90 -4.69 31.02
N THR A 472 22.92 -4.02 30.48
CA THR A 472 22.86 -3.64 29.07
C THR A 472 22.79 -4.85 28.16
N LYS A 473 23.52 -5.92 28.49
CA LYS A 473 23.55 -7.17 27.70
C LYS A 473 22.16 -7.78 27.58
N CYS A 474 21.48 -7.92 28.73
CA CYS A 474 20.16 -8.53 28.81
C CYS A 474 19.13 -7.61 28.12
N CYS A 475 19.20 -6.32 28.39
CA CYS A 475 18.36 -5.33 27.71
C CYS A 475 18.45 -5.29 26.18
N THR A 476 19.56 -5.79 25.61
CA THR A 476 19.79 -5.79 24.14
C THR A 476 19.60 -7.20 23.54
N GLU A 477 19.33 -8.17 24.39
CA GLU A 477 19.09 -9.56 24.02
C GLU A 477 17.82 -9.71 23.21
N SER A 478 17.73 -10.80 22.44
CA SER A 478 16.50 -11.18 21.74
C SER A 478 15.34 -11.21 22.71
N LEU A 479 14.13 -10.93 22.24
CA LEU A 479 12.97 -10.77 23.14
C LEU A 479 12.68 -12.05 23.94
N VAL A 480 13.05 -13.19 23.37
CA VAL A 480 12.88 -14.51 24.01
C VAL A 480 13.93 -14.78 25.13
N ASN A 481 15.07 -14.10 25.02
CA ASN A 481 16.19 -14.25 25.94
C ASN A 481 16.22 -13.18 27.03
N ARG A 482 15.51 -12.07 26.88
CA ARG A 482 15.61 -11.00 27.87
C ARG A 482 15.63 -11.46 29.33
N ARG A 483 14.56 -12.14 29.72
CA ARG A 483 14.30 -12.49 31.10
C ARG A 483 15.24 -13.62 31.59
N PRO A 484 15.44 -14.69 30.77
CA PRO A 484 16.44 -15.68 31.12
C PRO A 484 17.85 -15.09 31.25
N CYS A 485 18.20 -14.06 30.48
CA CYS A 485 19.53 -13.42 30.66
C CYS A 485 19.57 -12.78 32.08
N PHE A 486 18.58 -11.99 32.41
CA PHE A 486 18.49 -11.49 33.79
C PHE A 486 18.54 -12.64 34.84
N SER A 487 17.86 -13.72 34.57
CA SER A 487 17.84 -14.83 35.51
C SER A 487 19.18 -15.54 35.60
N ALA A 488 20.03 -15.38 34.61
CA ALA A 488 21.37 -15.96 34.69
C ALA A 488 22.41 -15.01 35.29
N LEU A 489 22.02 -13.78 35.64
CA LEU A 489 22.91 -12.88 36.40
C LEU A 489 23.21 -13.52 37.74
N GLU A 490 24.50 -13.62 38.02
CA GLU A 490 25.06 -14.13 39.27
C GLU A 490 25.41 -12.95 40.13
N VAL A 491 25.82 -13.23 41.37
CA VAL A 491 26.29 -12.18 42.27
C VAL A 491 27.57 -11.57 41.68
N ASP A 492 27.69 -10.25 41.74
CA ASP A 492 28.77 -9.54 41.02
C ASP A 492 30.04 -9.67 41.82
N GLU A 493 31.03 -10.38 41.28
CA GLU A 493 32.29 -10.63 41.99
C GLU A 493 33.27 -9.45 41.83
N THR A 494 33.17 -8.73 40.72
CA THR A 494 34.00 -7.55 40.44
C THR A 494 33.82 -6.40 41.43
N TYR A 495 32.60 -6.27 41.97
CA TYR A 495 32.17 -5.01 42.56
C TYR A 495 32.91 -4.64 43.81
N VAL A 496 33.30 -3.37 43.87
CA VAL A 496 34.01 -2.83 45.01
C VAL A 496 32.95 -2.19 45.93
N PRO A 497 32.82 -2.70 47.18
CA PRO A 497 31.90 -2.12 48.16
C PRO A 497 31.86 -0.60 48.10
N LYS A 498 30.66 -0.01 48.09
CA LYS A 498 30.60 1.42 48.33
C LYS A 498 31.09 1.73 49.73
N GLU A 499 31.68 2.90 49.85
CA GLU A 499 32.36 3.36 51.07
C GLU A 499 31.31 3.76 52.13
N PHE A 500 31.70 3.73 53.41
CA PHE A 500 30.77 4.08 54.50
C PHE A 500 30.33 5.55 54.44
N ASN A 501 29.08 5.80 54.82
CA ASN A 501 28.47 7.12 54.74
C ASN A 501 27.36 7.18 55.78
N ALA A 502 27.66 7.84 56.89
CA ALA A 502 26.83 7.72 58.12
C ALA A 502 25.44 8.31 57.99
N GLU A 503 25.29 9.34 57.16
CA GLU A 503 23.97 9.96 56.92
C GLU A 503 23.01 8.94 56.33
N THR A 504 23.50 8.12 55.40
CA THR A 504 22.71 7.04 54.79
C THR A 504 22.05 6.12 55.82
N PHE A 505 22.78 5.82 56.91
CA PHE A 505 22.24 4.96 57.98
C PHE A 505 21.97 5.75 59.27
N THR A 506 21.48 6.99 59.11
CA THR A 506 20.98 7.83 60.22
C THR A 506 19.47 8.01 60.00
N PHE A 507 18.66 7.70 61.00
CA PHE A 507 17.19 7.79 60.90
C PHE A 507 16.62 8.62 62.05
N HIS A 508 15.63 9.47 61.77
CA HIS A 508 15.04 10.37 62.78
C HIS A 508 13.60 9.99 63.15
N ALA A 509 13.00 10.73 64.09
CA ALA A 509 11.62 10.45 64.53
C ALA A 509 10.57 10.69 63.44
N ASP A 510 10.90 11.51 62.44
CA ASP A 510 10.08 11.63 61.21
C ASP A 510 9.47 10.30 60.69
N ILE A 511 10.19 9.18 60.82
CA ILE A 511 9.76 7.88 60.26
C ILE A 511 8.53 7.20 60.90
N CYS A 512 8.28 7.40 62.21
CA CYS A 512 7.09 6.80 62.87
C CYS A 512 5.79 7.51 62.55
N THR A 513 5.87 8.72 62.01
CA THR A 513 4.66 9.44 61.56
C THR A 513 4.42 9.36 60.05
N LEU A 514 5.49 9.02 59.29
CA LEU A 514 5.36 8.81 57.86
C LEU A 514 4.31 7.74 57.59
N SER A 515 3.68 7.79 56.43
CA SER A 515 2.76 6.75 56.01
C SER A 515 3.48 5.40 55.91
N GLU A 516 2.68 4.33 56.06
CA GLU A 516 3.08 2.92 55.83
C GLU A 516 3.98 2.73 54.61
N LYS A 517 3.51 3.21 53.46
CA LYS A 517 4.29 3.18 52.23
C LYS A 517 5.62 3.87 52.41
N GLU A 518 5.59 5.13 52.83
CA GLU A 518 6.80 5.95 52.97
C GLU A 518 7.81 5.39 53.98
N ARG A 519 7.34 4.64 54.97
CA ARG A 519 8.20 4.05 55.99
C ARG A 519 8.86 2.82 55.38
N GLN A 520 8.07 2.09 54.58
CA GLN A 520 8.55 0.94 53.85
C GLN A 520 9.61 1.32 52.85
N ILE A 521 9.33 2.35 52.04
CA ILE A 521 10.34 2.83 51.06
C ILE A 521 11.62 3.29 51.71
N LYS A 522 11.50 4.06 52.79
CA LYS A 522 12.65 4.59 53.53
C LYS A 522 13.48 3.45 54.09
N LYS A 523 12.83 2.38 54.57
CA LYS A 523 13.54 1.17 55.07
C LYS A 523 14.20 0.35 53.93
N GLN A 524 13.55 0.28 52.78
CA GLN A 524 14.09 -0.45 51.63
C GLN A 524 15.34 0.31 51.04
N THR A 525 15.33 1.64 51.15
CA THR A 525 16.36 2.44 50.57
C THR A 525 17.64 2.24 51.38
N ALA A 526 17.46 1.98 52.67
CA ALA A 526 18.54 1.75 53.58
C ALA A 526 19.06 0.35 53.42
N LEU A 527 18.15 -0.61 53.24
CA LEU A 527 18.51 -2.00 52.91
C LEU A 527 19.47 -2.12 51.74
N VAL A 528 19.17 -1.39 50.66
CA VAL A 528 20.00 -1.45 49.43
C VAL A 528 21.41 -0.87 49.70
N GLU A 529 21.45 0.26 50.40
CA GLU A 529 22.73 0.94 50.72
C GLU A 529 23.56 0.05 51.66
N LEU A 530 22.89 -0.58 52.62
CA LEU A 530 23.50 -1.61 53.43
C LEU A 530 24.15 -2.68 52.54
N VAL A 531 23.37 -3.30 51.66
CA VAL A 531 23.93 -4.36 50.79
C VAL A 531 25.06 -3.80 49.89
N LYS A 532 24.89 -2.61 49.34
CA LYS A 532 25.93 -1.98 48.55
C LYS A 532 27.23 -1.84 49.31
N HIS A 533 27.10 -1.46 50.58
CA HIS A 533 28.23 -1.26 51.45
C HIS A 533 28.78 -2.60 51.91
N LYS A 534 27.91 -3.56 52.20
CA LYS A 534 28.38 -4.90 52.59
C LYS A 534 27.84 -6.05 51.72
N PRO A 535 28.31 -6.10 50.46
CA PRO A 535 27.83 -7.11 49.52
C PRO A 535 28.36 -8.52 49.83
N LYS A 536 29.48 -8.62 50.55
CA LYS A 536 29.92 -9.94 51.12
C LYS A 536 29.00 -10.55 52.21
N ALA A 537 28.03 -9.79 52.71
CA ALA A 537 27.19 -10.20 53.86
C ALA A 537 26.26 -11.40 53.58
N THR A 538 26.41 -12.46 54.38
CA THR A 538 25.52 -13.64 54.43
C THR A 538 24.09 -13.31 54.87
N LYS A 539 23.15 -14.19 54.49
CA LYS A 539 21.75 -14.23 54.97
C LYS A 539 21.56 -13.92 56.46
N GLU A 540 22.18 -14.72 57.32
CA GLU A 540 21.96 -14.56 58.76
C GLU A 540 22.49 -13.24 59.35
N GLN A 541 23.60 -12.74 58.82
CA GLN A 541 24.12 -11.44 59.23
C GLN A 541 23.17 -10.26 58.81
N LEU A 542 22.58 -10.35 57.63
CA LEU A 542 21.61 -9.35 57.20
C LEU A 542 20.38 -9.41 58.10
N LYS A 543 19.93 -10.63 58.40
CA LYS A 543 18.69 -10.80 59.17
C LYS A 543 18.89 -10.24 60.58
N ALA A 544 20.05 -10.54 61.17
CA ALA A 544 20.45 -9.94 62.43
C ALA A 544 20.56 -8.38 62.41
N VAL A 545 21.05 -7.80 61.30
CA VAL A 545 21.05 -6.34 61.19
C VAL A 545 19.62 -5.82 60.97
N MET A 546 18.81 -6.56 60.22
CA MET A 546 17.39 -6.22 59.98
C MET A 546 16.44 -6.34 61.18
N ASP A 547 16.55 -7.40 61.96
CA ASP A 547 15.68 -7.57 63.15
C ASP A 547 16.01 -6.52 64.21
N ASP A 548 17.30 -6.19 64.33
CA ASP A 548 17.82 -5.13 65.19
C ASP A 548 17.29 -3.75 64.79
N PHE A 549 17.39 -3.41 63.51
CA PHE A 549 16.79 -2.17 63.04
C PHE A 549 15.32 -2.13 63.39
N ALA A 550 14.61 -3.24 63.20
CA ALA A 550 13.17 -3.33 63.52
C ALA A 550 12.84 -3.18 65.02
N ALA A 551 13.73 -3.69 65.89
CA ALA A 551 13.60 -3.51 67.36
C ALA A 551 13.94 -2.10 67.80
N PHE A 552 14.95 -1.52 67.16
CA PHE A 552 15.36 -0.12 67.32
C PHE A 552 14.27 0.90 66.97
N VAL A 553 13.52 0.64 65.90
CA VAL A 553 12.44 1.55 65.50
C VAL A 553 11.23 1.47 66.44
N GLU A 554 10.88 0.27 66.92
CA GLU A 554 9.81 0.17 67.91
C GLU A 554 10.23 0.80 69.25
N LYS A 555 11.48 0.57 69.69
CA LYS A 555 12.00 1.21 70.91
C LYS A 555 11.89 2.74 70.86
N CYS A 556 12.34 3.35 69.77
CA CYS A 556 12.35 4.81 69.67
C CYS A 556 11.01 5.49 69.36
N CYS A 557 9.97 4.73 68.97
CA CYS A 557 8.61 5.25 68.69
C CYS A 557 7.55 4.79 69.71
N LYS A 558 7.94 3.95 70.67
CA LYS A 558 7.12 3.59 71.83
C LYS A 558 7.48 4.51 73.03
N ALA A 559 8.60 5.23 72.92
CA ALA A 559 9.27 5.86 74.06
C ALA A 559 8.69 7.21 74.48
N ASP A 560 8.80 7.51 75.78
CA ASP A 560 8.47 8.82 76.34
C ASP A 560 9.61 9.82 76.05
N ASP A 561 9.61 10.35 74.81
CA ASP A 561 10.76 11.04 74.15
C ASP A 561 11.31 10.10 73.06
N LYS A 562 11.30 10.58 71.82
CA LYS A 562 11.72 9.81 70.64
C LYS A 562 13.05 10.27 70.02
N GLU A 563 13.26 11.57 69.88
CA GLU A 563 14.39 12.10 69.11
C GLU A 563 15.76 11.79 69.71
N THR A 564 15.84 11.65 71.03
CA THR A 564 17.08 11.22 71.70
C THR A 564 17.41 9.77 71.36
N CYS A 565 16.41 8.90 71.43
CA CYS A 565 16.50 7.50 71.02
C CYS A 565 16.91 7.32 69.54
N PHE A 566 16.25 8.02 68.63
CA PHE A 566 16.63 8.01 67.19
C PHE A 566 17.94 8.74 66.89
N ALA A 567 19.01 8.37 67.60
CA ALA A 567 20.29 9.09 67.58
C ALA A 567 21.25 8.47 68.59
N GLU A 568 20.75 8.22 69.80
CA GLU A 568 21.49 7.43 70.81
C GLU A 568 21.60 5.99 70.35
N GLU A 569 20.44 5.36 70.17
CA GLU A 569 20.36 3.97 69.73
C GLU A 569 20.85 3.78 68.28
N GLY A 570 20.77 4.85 67.47
CA GLY A 570 21.35 4.91 66.12
C GLY A 570 22.87 4.79 66.10
N LYS A 571 23.54 5.35 67.10
CA LYS A 571 24.94 5.02 67.36
C LYS A 571 25.09 3.54 67.80
N LYS A 572 24.24 3.10 68.71
CA LYS A 572 24.25 1.69 69.18
C LYS A 572 23.68 0.61 68.20
N LEU A 573 23.24 1.01 66.99
CA LEU A 573 22.92 0.08 65.87
C LEU A 573 24.03 0.07 64.81
N VAL A 574 24.33 1.25 64.28
CA VAL A 574 25.33 1.44 63.23
C VAL A 574 26.69 0.89 63.64
N ALA A 575 27.11 1.16 64.87
CA ALA A 575 28.45 0.73 65.35
C ALA A 575 28.58 -0.79 65.55
N ALA A 576 27.49 -1.42 65.99
CA ALA A 576 27.39 -2.88 66.15
C ALA A 576 27.24 -3.62 64.81
N SER A 577 26.54 -2.97 63.88
CA SER A 577 26.29 -3.51 62.56
C SER A 577 27.57 -3.60 61.75
N GLN A 578 28.34 -2.51 61.68
CA GLN A 578 29.63 -2.53 60.99
C GLN A 578 30.52 -3.66 61.49
N ALA A 579 30.62 -3.76 62.80
CA ALA A 579 31.49 -4.75 63.43
C ALA A 579 31.07 -6.17 63.07
N ALA A 580 29.76 -6.41 62.98
CA ALA A 580 29.21 -7.73 62.63
C ALA A 580 29.16 -8.07 61.11
N LEU A 581 29.84 -7.30 60.27
CA LEU A 581 29.78 -7.50 58.81
C LEU A 581 31.14 -7.22 58.18
N HIS B 1 11.07 -12.98 1.14
CA HIS B 1 11.41 -13.09 -0.32
C HIS B 1 12.92 -13.41 -0.40
N LYS B 2 13.30 -14.54 0.21
CA LYS B 2 14.66 -15.08 0.08
C LYS B 2 14.96 -15.46 -1.38
N SER B 3 13.96 -16.03 -2.06
CA SER B 3 14.11 -16.58 -3.42
C SER B 3 13.15 -15.89 -4.38
N GLU B 4 13.66 -14.99 -5.21
CA GLU B 4 12.81 -14.22 -6.11
C GLU B 4 12.16 -15.12 -7.18
N VAL B 5 12.90 -16.05 -7.78
CA VAL B 5 12.27 -17.00 -8.71
C VAL B 5 11.11 -17.77 -8.05
N ALA B 6 11.33 -18.35 -6.86
CA ALA B 6 10.24 -19.10 -6.18
C ALA B 6 9.00 -18.24 -6.03
N HIS B 7 9.13 -17.07 -5.44
CA HIS B 7 8.00 -16.21 -5.18
C HIS B 7 7.28 -15.78 -6.47
N ARG B 8 8.01 -15.49 -7.54
CA ARG B 8 7.41 -15.20 -8.87
C ARG B 8 6.60 -16.40 -9.37
N PHE B 9 7.19 -17.59 -9.22
CA PHE B 9 6.62 -18.82 -9.71
C PHE B 9 5.30 -19.14 -9.01
N LYS B 10 5.25 -18.92 -7.70
CA LYS B 10 4.04 -19.07 -6.89
C LYS B 10 3.00 -18.01 -7.25
N ASP B 11 3.39 -16.76 -7.37
CA ASP B 11 2.40 -15.73 -7.76
C ASP B 11 1.81 -16.01 -9.16
N LEU B 12 2.67 -16.15 -10.18
CA LEU B 12 2.22 -16.34 -11.55
C LEU B 12 1.53 -17.68 -11.79
N GLY B 13 2.06 -18.74 -11.18
CA GLY B 13 1.66 -20.11 -11.45
C GLY B 13 2.47 -20.61 -12.63
N GLU B 14 2.71 -21.92 -12.72
CA GLU B 14 3.57 -22.47 -13.78
C GLU B 14 3.27 -22.11 -15.28
N GLU B 15 2.01 -22.14 -15.67
CA GLU B 15 1.67 -21.84 -17.06
C GLU B 15 2.05 -20.45 -17.43
N ASN B 16 1.71 -19.47 -16.60
CA ASN B 16 2.01 -18.07 -16.86
C ASN B 16 3.54 -17.81 -16.79
N PHE B 17 4.20 -18.39 -15.80
CA PHE B 17 5.65 -18.37 -15.70
C PHE B 17 6.32 -18.79 -16.99
N LYS B 18 5.95 -19.99 -17.49
CA LYS B 18 6.62 -20.56 -18.71
C LYS B 18 6.44 -19.67 -19.94
N ALA B 19 5.22 -19.22 -20.18
CA ALA B 19 4.98 -18.30 -21.27
C ALA B 19 5.81 -17.06 -21.15
N LEU B 20 5.91 -16.51 -19.90
CA LEU B 20 6.49 -15.26 -19.68
C LEU B 20 7.98 -15.34 -19.86
N VAL B 21 8.57 -16.42 -19.38
CA VAL B 21 9.91 -16.68 -19.61
C VAL B 21 10.19 -16.87 -21.11
N LEU B 22 9.32 -17.54 -21.84
CA LEU B 22 9.50 -17.71 -23.28
C LEU B 22 9.47 -16.34 -23.94
N ILE B 23 8.55 -15.46 -23.49
CA ILE B 23 8.48 -14.15 -24.15
C ILE B 23 9.75 -13.39 -23.86
N ALA B 24 10.21 -13.46 -22.60
CA ALA B 24 11.34 -12.67 -22.19
C ALA B 24 12.57 -13.02 -23.00
N PHE B 25 12.92 -14.31 -23.03
CA PHE B 25 14.01 -14.75 -23.86
C PHE B 25 13.77 -14.46 -25.36
N ALA B 26 12.56 -14.64 -25.85
CA ALA B 26 12.31 -14.36 -27.27
C ALA B 26 12.67 -12.93 -27.68
N GLN B 27 12.45 -11.98 -26.78
CA GLN B 27 12.69 -10.57 -27.05
C GLN B 27 14.22 -10.18 -27.12
N TYR B 28 15.09 -10.94 -26.44
CA TYR B 28 16.56 -10.76 -26.42
C TYR B 28 17.39 -11.71 -27.31
N LEU B 29 16.83 -12.90 -27.58
CA LEU B 29 17.47 -13.88 -28.40
C LEU B 29 16.63 -14.05 -29.60
N GLN B 30 16.42 -12.95 -30.31
CA GLN B 30 15.41 -12.88 -31.36
C GLN B 30 15.74 -13.72 -32.60
N GLN B 31 16.98 -14.22 -32.72
CA GLN B 31 17.41 -15.07 -33.86
C GLN B 31 17.77 -16.47 -33.43
N CYS B 32 17.69 -16.79 -32.14
CA CYS B 32 17.71 -18.17 -31.71
C CYS B 32 16.42 -18.86 -32.12
N PRO B 33 16.51 -20.07 -32.69
CA PRO B 33 15.32 -20.77 -33.11
C PRO B 33 14.48 -21.26 -31.95
N PHE B 34 13.19 -21.40 -32.19
CA PHE B 34 12.19 -21.92 -31.26
C PHE B 34 12.67 -23.05 -30.33
N GLU B 35 13.32 -24.05 -30.90
CA GLU B 35 13.71 -25.25 -30.14
C GLU B 35 14.80 -24.96 -29.12
N ASP B 36 15.64 -23.93 -29.36
CA ASP B 36 16.57 -23.44 -28.32
C ASP B 36 15.78 -22.81 -27.17
N HIS B 37 14.87 -21.87 -27.47
CA HIS B 37 14.00 -21.24 -26.45
C HIS B 37 13.19 -22.22 -25.60
N VAL B 38 12.56 -23.25 -26.21
CA VAL B 38 11.85 -24.29 -25.42
C VAL B 38 12.83 -24.91 -24.39
N LYS B 39 14.08 -25.14 -24.80
CA LYS B 39 15.08 -25.69 -23.88
C LYS B 39 15.40 -24.65 -22.78
N LEU B 40 15.45 -23.35 -23.13
CA LEU B 40 15.72 -22.34 -22.07
C LEU B 40 14.60 -22.37 -21.06
N VAL B 41 13.37 -22.17 -21.53
CA VAL B 41 12.17 -22.22 -20.69
C VAL B 41 12.18 -23.44 -19.76
N ASN B 42 12.41 -24.61 -20.31
CA ASN B 42 12.29 -25.84 -19.55
C ASN B 42 13.38 -25.85 -18.48
N GLU B 43 14.60 -25.41 -18.83
CA GLU B 43 15.71 -25.27 -17.87
C GLU B 43 15.45 -24.23 -16.76
N VAL B 44 14.98 -23.02 -17.11
CA VAL B 44 14.61 -22.05 -16.11
C VAL B 44 13.50 -22.59 -15.18
N THR B 45 12.52 -23.29 -15.75
CA THR B 45 11.36 -23.82 -15.01
C THR B 45 11.73 -25.03 -14.10
N GLU B 46 12.62 -25.95 -14.52
CA GLU B 46 13.20 -26.99 -13.63
C GLU B 46 13.80 -26.33 -12.40
N PHE B 47 14.65 -25.34 -12.65
CA PHE B 47 15.27 -24.57 -11.59
C PHE B 47 14.28 -23.89 -10.63
N ALA B 48 13.38 -23.06 -11.17
CA ALA B 48 12.36 -22.39 -10.40
C ALA B 48 11.65 -23.32 -9.37
N LYS B 49 11.28 -24.50 -9.86
CA LYS B 49 10.62 -25.54 -9.06
C LYS B 49 11.44 -26.02 -7.90
N THR B 50 12.74 -26.10 -8.14
CA THR B 50 13.80 -26.35 -7.16
C THR B 50 13.74 -25.35 -6.00
N CYS B 51 13.41 -24.11 -6.34
CA CYS B 51 13.42 -23.03 -5.39
C CYS B 51 12.11 -23.04 -4.64
N VAL B 52 11.03 -23.44 -5.32
CA VAL B 52 9.69 -23.60 -4.71
C VAL B 52 9.83 -24.69 -3.66
N ALA B 53 10.35 -25.85 -4.03
CA ALA B 53 10.65 -26.93 -3.08
C ALA B 53 11.51 -26.47 -1.87
N ASP B 54 12.49 -25.60 -2.10
CA ASP B 54 13.39 -25.15 -1.03
C ASP B 54 14.13 -23.84 -1.35
N GLU B 55 13.74 -22.77 -0.69
CA GLU B 55 14.32 -21.42 -0.93
C GLU B 55 15.82 -21.30 -0.63
N SER B 56 16.36 -22.22 0.15
CA SER B 56 17.81 -22.25 0.46
C SER B 56 18.67 -23.01 -0.54
N ALA B 57 18.07 -23.75 -1.48
CA ALA B 57 18.85 -24.54 -2.46
C ALA B 57 19.69 -23.64 -3.39
N GLU B 58 20.88 -24.14 -3.75
CA GLU B 58 21.84 -23.44 -4.60
C GLU B 58 21.21 -22.55 -5.67
N ASN B 59 21.71 -21.33 -5.74
CA ASN B 59 21.36 -20.34 -6.77
C ASN B 59 19.96 -19.79 -6.66
N CYS B 60 19.15 -20.32 -5.74
CA CYS B 60 17.78 -19.85 -5.60
C CYS B 60 17.68 -18.45 -5.00
N ASP B 61 18.66 -18.09 -4.17
CA ASP B 61 18.75 -16.75 -3.58
C ASP B 61 19.28 -15.66 -4.52
N LYS B 62 19.69 -16.00 -5.73
CA LYS B 62 20.05 -14.98 -6.69
C LYS B 62 18.87 -14.23 -7.28
N SER B 63 19.18 -13.02 -7.67
CA SER B 63 18.27 -12.08 -8.34
C SER B 63 17.73 -12.65 -9.66
N LEU B 64 16.51 -12.26 -10.00
CA LEU B 64 15.96 -12.62 -11.30
C LEU B 64 16.81 -12.06 -12.44
N HIS B 65 17.34 -10.85 -12.26
CA HIS B 65 18.25 -10.22 -13.29
C HIS B 65 19.58 -10.96 -13.49
N THR B 66 20.16 -11.47 -12.39
CA THR B 66 21.37 -12.31 -12.38
C THR B 66 21.15 -13.56 -13.19
N LEU B 67 20.08 -14.31 -12.87
CA LEU B 67 19.75 -15.56 -13.53
C LEU B 67 19.40 -15.37 -15.01
N PHE B 68 18.58 -14.36 -15.32
CA PHE B 68 18.29 -14.03 -16.72
C PHE B 68 19.57 -13.78 -17.52
N GLY B 69 20.45 -12.93 -17.02
CA GLY B 69 21.70 -12.59 -17.72
C GLY B 69 22.64 -13.80 -17.74
N ASP B 70 22.76 -14.51 -16.62
CA ASP B 70 23.63 -15.72 -16.61
C ASP B 70 23.21 -16.67 -17.69
N LYS B 71 21.89 -16.78 -17.94
CA LYS B 71 21.35 -17.76 -18.92
C LYS B 71 21.58 -17.31 -20.34
N LEU B 72 21.30 -16.05 -20.63
CA LEU B 72 21.77 -15.39 -21.85
C LEU B 72 23.27 -15.67 -22.09
N CYS B 73 24.08 -15.53 -21.06
CA CYS B 73 25.55 -15.74 -21.22
C CYS B 73 25.98 -17.19 -21.45
N THR B 74 25.08 -18.15 -21.20
CA THR B 74 25.34 -19.56 -21.45
C THR B 74 25.09 -20.01 -22.90
N VAL B 75 24.35 -19.19 -23.66
CA VAL B 75 24.10 -19.44 -25.06
C VAL B 75 25.44 -19.45 -25.80
N ALA B 76 25.71 -20.53 -26.54
CA ALA B 76 27.05 -20.78 -27.09
C ALA B 76 27.35 -19.94 -28.33
N THR B 77 26.35 -19.76 -29.18
CA THR B 77 26.53 -18.95 -30.38
C THR B 77 26.30 -17.45 -30.11
N LEU B 78 26.29 -17.01 -28.86
CA LEU B 78 25.89 -15.64 -28.55
C LEU B 78 26.75 -14.66 -29.33
N ARG B 79 28.06 -14.85 -29.23
CA ARG B 79 29.03 -14.07 -29.99
C ARG B 79 28.82 -14.19 -31.48
N GLU B 80 28.81 -15.42 -32.02
CA GLU B 80 28.74 -15.58 -33.46
C GLU B 80 27.44 -14.95 -34.00
N THR B 81 26.37 -15.05 -33.21
CA THR B 81 25.05 -14.68 -33.69
C THR B 81 24.75 -13.22 -33.39
N TYR B 82 25.05 -12.76 -32.16
CA TYR B 82 24.63 -11.41 -31.68
C TYR B 82 25.77 -10.36 -31.47
N GLY B 83 27.03 -10.78 -31.62
CA GLY B 83 28.16 -9.86 -31.73
C GLY B 83 28.45 -9.13 -30.43
N GLU B 84 28.22 -7.82 -30.42
CA GLU B 84 28.40 -6.98 -29.21
C GLU B 84 27.63 -7.44 -27.98
N MET B 85 26.47 -8.05 -28.19
CA MET B 85 25.64 -8.45 -27.07
C MET B 85 26.43 -9.43 -26.19
N ALA B 86 27.30 -10.24 -26.81
CA ALA B 86 28.20 -11.16 -26.09
C ALA B 86 29.22 -10.46 -25.18
N ASP B 87 29.51 -9.19 -25.41
CA ASP B 87 30.40 -8.44 -24.51
C ASP B 87 29.69 -7.97 -23.25
N CYS B 88 28.35 -7.93 -23.24
CA CYS B 88 27.66 -7.68 -22.00
C CYS B 88 28.04 -8.71 -20.94
N CYS B 89 28.36 -9.93 -21.33
CA CYS B 89 28.64 -10.99 -20.35
C CYS B 89 29.93 -10.80 -19.54
N ALA B 90 30.86 -10.04 -20.12
CA ALA B 90 32.11 -9.64 -19.46
C ALA B 90 31.89 -8.63 -18.32
N LYS B 91 30.68 -8.07 -18.19
CA LYS B 91 30.37 -7.11 -17.12
C LYS B 91 29.81 -7.75 -15.84
N GLN B 92 29.91 -6.98 -14.76
CA GLN B 92 29.31 -7.26 -13.45
C GLN B 92 27.85 -6.80 -13.45
N GLU B 93 27.04 -7.42 -12.56
CA GLU B 93 25.55 -7.38 -12.58
C GLU B 93 24.87 -6.14 -11.95
N PRO B 94 25.62 -5.06 -11.71
CA PRO B 94 24.87 -3.80 -11.95
C PRO B 94 24.83 -3.49 -13.46
N GLU B 95 26.02 -3.41 -14.10
CA GLU B 95 26.16 -2.95 -15.49
C GLU B 95 25.80 -3.96 -16.56
N ARG B 96 25.89 -5.26 -16.23
CA ARG B 96 25.55 -6.28 -17.22
C ARG B 96 24.10 -6.17 -17.69
N ASN B 97 23.18 -6.09 -16.73
CA ASN B 97 21.76 -5.96 -17.03
C ASN B 97 21.51 -4.74 -17.97
N GLU B 98 22.19 -3.63 -17.68
CA GLU B 98 22.01 -2.41 -18.46
C GLU B 98 22.56 -2.55 -19.88
N CYS B 99 23.58 -3.35 -20.05
CA CYS B 99 24.15 -3.59 -21.38
C CYS B 99 23.20 -4.42 -22.26
N PHE B 100 22.53 -5.43 -21.68
CA PHE B 100 21.51 -6.20 -22.42
C PHE B 100 20.36 -5.33 -22.89
N LEU B 101 19.90 -4.44 -22.02
CA LEU B 101 18.83 -3.52 -22.36
C LEU B 101 19.16 -2.70 -23.59
N GLN B 102 20.42 -2.27 -23.70
CA GLN B 102 20.86 -1.46 -24.83
C GLN B 102 21.02 -2.21 -26.17
N HIS B 103 21.03 -3.54 -26.20
CA HIS B 103 21.37 -4.32 -27.43
C HIS B 103 20.24 -5.23 -27.93
N LYS B 104 18.99 -4.91 -27.58
CA LYS B 104 17.87 -5.46 -28.31
C LYS B 104 17.80 -4.79 -29.68
N ASP B 105 17.35 -5.55 -30.69
CA ASP B 105 17.11 -5.08 -32.05
C ASP B 105 15.62 -4.81 -32.28
N ASP B 106 15.20 -3.55 -32.28
CA ASP B 106 13.80 -3.21 -32.63
C ASP B 106 13.64 -3.32 -34.14
N ASN B 107 12.44 -3.69 -34.57
CA ASN B 107 12.09 -3.84 -36.01
C ASN B 107 13.19 -4.58 -36.82
N PRO B 108 13.51 -5.83 -36.44
CA PRO B 108 14.56 -6.59 -37.17
C PRO B 108 14.13 -7.04 -38.57
N ASN B 109 15.04 -7.69 -39.29
CA ASN B 109 14.77 -8.24 -40.61
C ASN B 109 14.33 -9.67 -40.38
N LEU B 110 13.04 -9.84 -40.16
CA LEU B 110 12.39 -11.15 -40.17
C LEU B 110 11.28 -11.02 -41.16
N PRO B 111 10.97 -12.13 -41.86
CA PRO B 111 10.00 -12.10 -42.91
C PRO B 111 8.63 -12.04 -42.32
N ARG B 112 7.74 -11.45 -43.09
CA ARG B 112 6.29 -11.46 -42.90
C ARG B 112 5.78 -12.83 -42.44
N LEU B 113 5.05 -12.83 -41.32
CA LEU B 113 4.29 -13.98 -40.88
C LEU B 113 3.06 -14.04 -41.74
N VAL B 114 3.00 -15.03 -42.63
CA VAL B 114 1.80 -15.30 -43.43
C VAL B 114 0.77 -16.03 -42.55
N ARG B 115 -0.46 -15.56 -42.54
CA ARG B 115 -1.58 -16.32 -41.96
C ARG B 115 -1.78 -17.60 -42.80
N PRO B 116 -1.61 -18.80 -42.21
CA PRO B 116 -1.98 -20.01 -42.96
C PRO B 116 -3.48 -20.09 -43.23
N GLU B 117 -3.90 -21.10 -44.00
CA GLU B 117 -5.31 -21.48 -44.14
C GLU B 117 -5.97 -21.82 -42.78
N VAL B 118 -7.27 -21.60 -42.67
CA VAL B 118 -8.00 -21.93 -41.43
C VAL B 118 -7.84 -23.39 -41.05
N ASP B 119 -7.88 -24.29 -42.03
CA ASP B 119 -7.74 -25.71 -41.77
C ASP B 119 -6.34 -26.13 -41.36
N VAL B 120 -5.33 -25.45 -41.89
CA VAL B 120 -3.93 -25.70 -41.45
C VAL B 120 -3.80 -25.24 -39.99
N MET B 121 -4.26 -24.03 -39.69
CA MET B 121 -4.25 -23.53 -38.28
C MET B 121 -5.02 -24.43 -37.31
N CYS B 122 -6.25 -24.79 -37.70
CA CYS B 122 -7.12 -25.58 -36.83
C CYS B 122 -6.60 -26.99 -36.63
N THR B 123 -6.07 -27.60 -37.68
CA THR B 123 -5.47 -28.93 -37.51
C THR B 123 -4.31 -28.89 -36.54
N ALA B 124 -3.38 -27.96 -36.80
CA ALA B 124 -2.18 -27.75 -35.96
C ALA B 124 -2.54 -27.38 -34.50
N PHE B 125 -3.45 -26.46 -34.35
CA PHE B 125 -4.04 -26.16 -33.04
C PHE B 125 -4.61 -27.41 -32.33
N HIS B 126 -5.25 -28.30 -33.07
CA HIS B 126 -5.75 -29.52 -32.46
C HIS B 126 -4.58 -30.49 -32.25
N ASP B 127 -3.77 -30.69 -33.29
CA ASP B 127 -2.64 -31.65 -33.27
C ASP B 127 -1.66 -31.43 -32.11
N ASN B 128 -1.30 -30.18 -31.85
CA ASN B 128 -0.47 -29.88 -30.68
C ASN B 128 -0.63 -28.41 -30.24
N GLU B 129 -1.62 -28.17 -29.39
CA GLU B 129 -1.99 -26.83 -28.98
C GLU B 129 -0.85 -25.98 -28.43
N GLU B 130 -0.04 -26.59 -27.56
CA GLU B 130 1.00 -25.89 -26.84
C GLU B 130 2.06 -25.46 -27.79
N THR B 131 2.59 -26.38 -28.62
CA THR B 131 3.60 -25.94 -29.58
C THR B 131 3.03 -25.03 -30.68
N PHE B 132 1.75 -25.15 -31.05
CA PHE B 132 1.12 -24.20 -32.00
C PHE B 132 1.11 -22.77 -31.43
N LEU B 133 0.66 -22.63 -30.18
CA LEU B 133 0.45 -21.31 -29.56
C LEU B 133 1.77 -20.67 -29.14
N LYS B 134 2.66 -21.47 -28.57
CA LYS B 134 3.96 -21.02 -28.10
C LYS B 134 4.92 -20.68 -29.26
N LYS B 135 4.97 -21.51 -30.31
CA LYS B 135 5.79 -21.20 -31.48
C LYS B 135 5.36 -19.91 -32.04
N TYR B 136 4.07 -19.65 -32.10
CA TYR B 136 3.62 -18.35 -32.58
C TYR B 136 3.80 -17.21 -31.55
N LEU B 137 3.80 -17.55 -30.26
CA LEU B 137 4.07 -16.54 -29.21
C LEU B 137 5.54 -16.08 -29.35
N TYR B 138 6.42 -17.05 -29.57
CA TYR B 138 7.84 -16.83 -29.93
C TYR B 138 8.01 -15.98 -31.17
N GLU B 139 7.31 -16.30 -32.24
CA GLU B 139 7.43 -15.52 -33.51
C GLU B 139 7.00 -14.10 -33.32
N ILE B 140 5.99 -13.86 -32.52
CA ILE B 140 5.48 -12.50 -32.31
C ILE B 140 6.41 -11.72 -31.37
N ALA B 141 6.83 -12.40 -30.30
CA ALA B 141 7.75 -11.83 -29.32
C ALA B 141 9.05 -11.35 -29.94
N ARG B 142 9.62 -12.19 -30.82
CA ARG B 142 10.92 -11.92 -31.45
C ARG B 142 10.84 -10.78 -32.48
N ARG B 143 9.66 -10.58 -33.06
CA ARG B 143 9.39 -9.44 -33.94
C ARG B 143 9.05 -8.16 -33.19
N HIS B 144 8.55 -8.26 -31.94
CA HIS B 144 8.17 -7.11 -31.12
C HIS B 144 8.88 -7.09 -29.77
N PRO B 145 10.21 -6.87 -29.80
CA PRO B 145 11.01 -7.13 -28.61
C PRO B 145 10.73 -6.14 -27.48
N TYR B 146 10.01 -5.05 -27.76
CA TYR B 146 9.57 -4.09 -26.72
C TYR B 146 8.11 -4.22 -26.22
N PHE B 147 7.30 -5.10 -26.78
CA PHE B 147 5.87 -5.20 -26.42
C PHE B 147 5.80 -5.71 -24.98
N TYR B 148 5.07 -5.03 -24.10
CA TYR B 148 5.08 -5.39 -22.70
C TYR B 148 4.75 -6.89 -22.54
N ALA B 149 5.63 -7.69 -21.93
CA ALA B 149 5.42 -9.14 -21.97
C ALA B 149 4.03 -9.58 -21.54
N PRO B 150 3.50 -9.04 -20.45
CA PRO B 150 2.21 -9.59 -20.02
C PRO B 150 1.03 -9.15 -20.91
N GLU B 151 1.15 -8.09 -21.69
CA GLU B 151 0.02 -7.78 -22.58
C GLU B 151 0.09 -8.81 -23.79
N LEU B 152 1.29 -9.20 -24.20
CA LEU B 152 1.41 -10.25 -25.22
C LEU B 152 0.68 -11.54 -24.76
N LEU B 153 0.82 -11.84 -23.47
CA LEU B 153 0.30 -13.03 -22.93
C LEU B 153 -1.21 -12.91 -22.87
N PHE B 154 -1.71 -11.71 -22.60
CA PHE B 154 -3.15 -11.43 -22.71
C PHE B 154 -3.71 -11.59 -24.16
N PHE B 155 -2.96 -11.15 -25.17
CA PHE B 155 -3.29 -11.40 -26.59
C PHE B 155 -3.24 -12.90 -26.93
N ALA B 156 -2.16 -13.58 -26.51
CA ALA B 156 -2.03 -15.01 -26.67
C ALA B 156 -3.31 -15.70 -26.19
N LYS B 157 -3.78 -15.29 -25.03
CA LYS B 157 -4.95 -15.92 -24.41
C LYS B 157 -6.24 -15.66 -25.17
N ARG B 158 -6.37 -14.50 -25.80
CA ARG B 158 -7.48 -14.25 -26.68
C ARG B 158 -7.34 -15.09 -27.97
N TYR B 159 -6.15 -15.17 -28.58
CA TYR B 159 -6.00 -16.07 -29.73
C TYR B 159 -6.40 -17.51 -29.41
N LYS B 160 -5.95 -18.00 -28.27
CA LYS B 160 -6.30 -19.34 -27.84
C LYS B 160 -7.82 -19.48 -27.84
N ALA B 161 -8.51 -18.55 -27.18
CA ALA B 161 -9.98 -18.56 -27.10
C ALA B 161 -10.66 -18.54 -28.46
N ALA B 162 -10.06 -17.83 -29.41
CA ALA B 162 -10.63 -17.72 -30.70
C ALA B 162 -10.49 -19.04 -31.49
N PHE B 163 -9.50 -19.86 -31.18
CA PHE B 163 -9.34 -21.12 -31.89
C PHE B 163 -10.28 -22.17 -31.28
N THR B 164 -10.42 -22.14 -29.95
CA THR B 164 -11.31 -23.05 -29.22
C THR B 164 -12.74 -22.93 -29.72
N GLU B 165 -13.21 -21.69 -29.84
CA GLU B 165 -14.54 -21.42 -30.37
C GLU B 165 -14.65 -21.85 -31.84
N CYS B 166 -13.75 -21.35 -32.68
CA CYS B 166 -13.98 -21.35 -34.12
C CYS B 166 -13.47 -22.56 -34.88
N CYS B 167 -12.60 -23.37 -34.27
CA CYS B 167 -12.12 -24.61 -34.91
C CYS B 167 -13.09 -25.82 -34.75
N GLN B 168 -14.08 -25.71 -33.86
CA GLN B 168 -15.15 -26.72 -33.69
C GLN B 168 -16.48 -26.08 -34.03
N ALA B 169 -16.55 -25.59 -35.27
CA ALA B 169 -17.73 -24.93 -35.81
C ALA B 169 -17.84 -25.25 -37.30
N ALA B 170 -19.06 -25.23 -37.83
CA ALA B 170 -19.38 -25.69 -39.20
C ALA B 170 -18.60 -24.90 -40.28
N ASP B 171 -18.78 -23.59 -40.29
CA ASP B 171 -18.12 -22.71 -41.23
C ASP B 171 -16.93 -22.06 -40.51
N LYS B 172 -15.89 -22.85 -40.27
CA LYS B 172 -14.74 -22.43 -39.45
C LYS B 172 -14.27 -20.99 -39.77
N ALA B 173 -13.92 -20.75 -41.04
CA ALA B 173 -13.42 -19.45 -41.53
C ALA B 173 -14.36 -18.24 -41.37
N ALA B 174 -15.67 -18.44 -41.39
CA ALA B 174 -16.62 -17.35 -41.11
C ALA B 174 -16.49 -16.88 -39.67
N CYS B 175 -16.30 -17.82 -38.74
CA CYS B 175 -16.05 -17.54 -37.32
C CYS B 175 -14.65 -16.92 -37.08
N LEU B 176 -13.63 -17.52 -37.68
CA LEU B 176 -12.24 -17.26 -37.28
C LEU B 176 -11.62 -16.04 -37.92
N LEU B 177 -11.60 -15.99 -39.25
CA LEU B 177 -10.93 -14.90 -39.99
C LEU B 177 -11.21 -13.47 -39.48
N PRO B 178 -12.44 -13.18 -39.00
CA PRO B 178 -12.71 -11.85 -38.44
C PRO B 178 -12.34 -11.65 -36.96
N LYS B 179 -12.13 -12.72 -36.20
CA LYS B 179 -11.57 -12.61 -34.85
C LYS B 179 -10.08 -12.33 -34.99
N LEU B 180 -9.44 -13.05 -35.91
CA LEU B 180 -8.04 -12.86 -36.18
C LEU B 180 -7.80 -11.46 -36.72
N ASP B 181 -8.72 -10.94 -37.54
CA ASP B 181 -8.63 -9.57 -38.05
C ASP B 181 -8.66 -8.56 -36.90
N GLU B 182 -9.69 -8.67 -36.04
CA GLU B 182 -9.86 -7.83 -34.82
C GLU B 182 -8.64 -7.86 -33.89
N LEU B 183 -8.09 -9.05 -33.62
CA LEU B 183 -6.86 -9.20 -32.82
C LEU B 183 -5.64 -8.68 -33.57
N ARG B 184 -5.47 -9.05 -34.84
CA ARG B 184 -4.40 -8.45 -35.64
C ARG B 184 -4.43 -6.93 -35.51
N ASP B 185 -5.60 -6.32 -35.72
CA ASP B 185 -5.75 -4.87 -35.66
C ASP B 185 -5.44 -4.34 -34.27
N GLU B 186 -6.16 -4.86 -33.28
CA GLU B 186 -5.97 -4.49 -31.87
C GLU B 186 -4.53 -4.67 -31.40
N GLY B 187 -3.85 -5.71 -31.93
CA GLY B 187 -2.45 -6.01 -31.61
C GLY B 187 -1.48 -4.97 -32.12
N LYS B 188 -1.64 -4.68 -33.40
CA LYS B 188 -0.93 -3.56 -34.01
C LYS B 188 -1.16 -2.25 -33.25
N ALA B 189 -2.40 -1.97 -32.87
CA ALA B 189 -2.72 -0.72 -32.14
C ALA B 189 -2.03 -0.68 -30.76
N SER B 190 -2.09 -1.81 -30.06
CA SER B 190 -1.47 -1.88 -28.74
C SER B 190 0.02 -1.63 -28.87
N SER B 191 0.66 -2.25 -29.85
CA SER B 191 2.11 -2.08 -30.04
C SER B 191 2.41 -0.63 -30.37
N ALA B 192 1.62 -0.07 -31.29
CA ALA B 192 1.63 1.35 -31.58
C ALA B 192 1.36 2.25 -30.38
N LYS B 193 0.38 1.94 -29.52
CA LYS B 193 0.09 2.78 -28.30
C LYS B 193 1.25 2.82 -27.29
N GLN B 194 1.86 1.68 -27.00
CA GLN B 194 3.01 1.59 -26.08
C GLN B 194 4.23 2.34 -26.68
N ARG B 195 4.46 2.09 -27.94
CA ARG B 195 5.51 2.78 -28.67
C ARG B 195 5.28 4.30 -28.64
N LEU B 196 4.04 4.74 -28.78
CA LEU B 196 3.69 6.19 -28.80
C LEU B 196 3.76 6.81 -27.40
N LYS B 197 3.39 6.06 -26.38
CA LYS B 197 3.44 6.60 -25.03
C LYS B 197 4.86 6.92 -24.64
N CYS B 198 5.78 6.01 -24.96
CA CYS B 198 7.18 6.25 -24.63
C CYS B 198 7.80 7.30 -25.51
N ALA B 199 7.48 7.37 -26.79
CA ALA B 199 8.06 8.44 -27.60
C ALA B 199 7.58 9.80 -27.07
N SER B 200 6.28 9.93 -26.86
CA SER B 200 5.70 11.18 -26.31
C SER B 200 6.31 11.73 -25.00
N LEU B 201 6.64 10.84 -24.07
CA LEU B 201 7.35 11.21 -22.84
C LEU B 201 8.73 11.82 -23.17
N GLN B 202 9.43 11.28 -24.16
CA GLN B 202 10.76 11.82 -24.53
C GLN B 202 10.64 13.14 -25.27
N LYS B 203 9.66 13.27 -26.18
CA LYS B 203 9.53 14.51 -26.96
C LYS B 203 9.09 15.66 -26.04
N PHE B 204 8.04 15.39 -25.25
CA PHE B 204 7.32 16.42 -24.49
C PHE B 204 7.57 16.44 -22.99
N GLY B 205 8.26 15.46 -22.43
CA GLY B 205 8.57 15.48 -21.01
C GLY B 205 7.43 15.17 -20.05
N GLU B 206 7.78 15.34 -18.78
CA GLU B 206 6.99 14.84 -17.67
C GLU B 206 5.80 15.72 -17.32
N ARG B 207 5.92 17.03 -17.49
CA ARG B 207 4.76 17.91 -17.24
C ARG B 207 3.53 17.49 -18.05
N ALA B 208 3.74 17.35 -19.36
CA ALA B 208 2.69 16.98 -20.33
C ALA B 208 2.12 15.62 -19.99
N PHE B 209 3.01 14.69 -19.67
CA PHE B 209 2.54 13.38 -19.19
C PHE B 209 1.63 13.51 -17.99
N LYS B 210 2.09 14.24 -17.00
CA LYS B 210 1.26 14.45 -15.80
C LYS B 210 -0.09 15.15 -16.10
N ALA B 211 -0.05 16.09 -17.00
CA ALA B 211 -1.33 16.76 -17.37
C ALA B 211 -2.31 15.75 -17.89
N TRP B 212 -1.82 14.92 -18.81
CA TRP B 212 -2.59 13.92 -19.47
C TRP B 212 -3.15 12.95 -18.45
N ALA B 213 -2.26 12.45 -17.56
CA ALA B 213 -2.71 11.48 -16.54
C ALA B 213 -3.76 12.05 -15.54
N VAL B 214 -3.52 13.25 -15.01
CA VAL B 214 -4.50 14.03 -14.23
C VAL B 214 -5.84 14.07 -14.95
N ALA B 215 -5.85 14.45 -16.23
CA ALA B 215 -7.11 14.50 -16.98
C ALA B 215 -7.78 13.18 -17.04
N ARG B 216 -7.01 12.16 -17.41
CA ARG B 216 -7.64 10.89 -17.65
C ARG B 216 -8.11 10.25 -16.36
N LEU B 217 -7.28 10.32 -15.32
CA LEU B 217 -7.61 9.70 -14.06
C LEU B 217 -8.77 10.41 -13.35
N SER B 218 -8.86 11.73 -13.51
CA SER B 218 -9.99 12.46 -12.96
C SER B 218 -11.31 12.12 -13.64
N GLN B 219 -11.31 11.82 -14.95
CA GLN B 219 -12.54 11.30 -15.62
C GLN B 219 -12.95 9.95 -15.11
N ARG B 220 -11.95 9.12 -14.85
CA ARG B 220 -12.14 7.75 -14.43
C ARG B 220 -12.53 7.62 -13.00
N PHE B 221 -11.93 8.44 -12.16
CA PHE B 221 -12.12 8.43 -10.71
C PHE B 221 -12.66 9.76 -10.16
N PRO B 222 -13.77 10.26 -10.74
CA PRO B 222 -14.34 11.53 -10.31
C PRO B 222 -14.69 11.69 -8.79
N LYS B 223 -15.05 10.62 -8.09
CA LYS B 223 -15.30 10.70 -6.64
C LYS B 223 -14.03 10.81 -5.78
N ALA B 224 -12.85 10.54 -6.36
CA ALA B 224 -11.57 10.70 -5.65
C ALA B 224 -11.27 12.15 -5.45
N GLU B 225 -10.62 12.44 -4.31
CA GLU B 225 -10.20 13.79 -4.03
C GLU B 225 -8.95 14.13 -4.88
N PHE B 226 -8.80 15.40 -5.24
CA PHE B 226 -7.58 15.83 -5.95
C PHE B 226 -6.25 15.24 -5.37
N ALA B 227 -6.18 15.19 -4.05
CA ALA B 227 -5.03 14.69 -3.37
C ALA B 227 -4.73 13.25 -3.73
N GLU B 228 -5.76 12.42 -3.84
CA GLU B 228 -5.63 11.03 -4.28
C GLU B 228 -5.27 10.89 -5.78
N VAL B 229 -5.94 11.70 -6.59
CA VAL B 229 -5.55 11.85 -8.00
C VAL B 229 -4.09 12.22 -8.19
N SER B 230 -3.61 13.22 -7.44
CA SER B 230 -2.24 13.77 -7.60
C SER B 230 -1.24 12.69 -7.26
N LYS B 231 -1.54 11.99 -6.17
CA LYS B 231 -0.69 10.94 -5.70
C LYS B 231 -0.64 9.80 -6.72
N LEU B 232 -1.79 9.34 -7.24
CA LEU B 232 -1.81 8.38 -8.35
C LEU B 232 -0.92 8.83 -9.54
N VAL B 233 -1.18 9.98 -10.09
CA VAL B 233 -0.38 10.52 -11.17
C VAL B 233 1.11 10.51 -10.87
N THR B 234 1.49 10.88 -9.66
CA THR B 234 2.92 10.90 -9.29
C THR B 234 3.53 9.48 -9.32
N ASP B 235 2.76 8.48 -8.88
CA ASP B 235 3.16 7.08 -8.99
C ASP B 235 3.08 6.55 -10.44
N LEU B 236 2.11 6.99 -11.23
CA LEU B 236 2.01 6.55 -12.64
C LEU B 236 3.22 7.06 -13.45
N THR B 237 3.65 8.25 -13.14
CA THR B 237 4.73 8.86 -13.88
C THR B 237 6.03 8.10 -13.67
N LYS B 238 6.34 7.72 -12.42
CA LYS B 238 7.50 6.84 -12.17
C LYS B 238 7.32 5.52 -12.92
N VAL B 239 6.15 4.88 -12.79
CA VAL B 239 5.83 3.64 -13.47
C VAL B 239 6.09 3.68 -14.98
N HIS B 240 5.43 4.62 -15.67
CA HIS B 240 5.63 4.79 -17.09
C HIS B 240 7.07 5.17 -17.43
N THR B 241 7.72 5.97 -16.60
CA THR B 241 9.12 6.34 -16.82
C THR B 241 9.97 5.05 -16.80
N GLU B 242 9.95 4.33 -15.68
CA GLU B 242 10.69 3.07 -15.59
C GLU B 242 10.33 2.11 -16.73
N CYS B 243 9.04 1.98 -17.08
CA CYS B 243 8.67 1.02 -18.13
C CYS B 243 9.27 1.34 -19.51
N CYS B 244 9.24 2.63 -19.88
CA CYS B 244 9.87 3.08 -21.10
C CYS B 244 11.38 2.84 -21.11
N HIS B 245 12.02 2.85 -19.95
CA HIS B 245 13.42 2.51 -19.87
C HIS B 245 13.70 1.04 -20.23
N GLY B 246 12.72 0.19 -20.04
CA GLY B 246 12.66 -1.08 -20.75
C GLY B 246 13.00 -2.33 -20.00
N ASP B 247 13.34 -2.25 -18.71
CA ASP B 247 13.66 -3.44 -17.92
C ASP B 247 12.33 -4.07 -17.47
N LEU B 248 11.98 -5.24 -18.00
CA LEU B 248 10.65 -5.81 -17.80
C LEU B 248 10.29 -6.04 -16.35
N LEU B 249 11.17 -6.67 -15.58
CA LEU B 249 10.92 -6.98 -14.18
C LEU B 249 10.65 -5.72 -13.38
N GLU B 250 11.44 -4.69 -13.60
CA GLU B 250 11.30 -3.43 -12.85
C GLU B 250 9.98 -2.76 -13.19
N CYS B 251 9.61 -2.82 -14.48
CA CYS B 251 8.30 -2.31 -14.95
C CYS B 251 7.11 -3.13 -14.40
N ALA B 252 7.34 -4.41 -14.23
CA ALA B 252 6.28 -5.31 -13.74
C ALA B 252 6.03 -5.07 -12.27
N ASP B 253 7.11 -4.97 -11.51
CA ASP B 253 7.01 -4.65 -10.08
C ASP B 253 6.46 -3.25 -9.84
N ASP B 254 6.89 -2.25 -10.62
CA ASP B 254 6.32 -0.92 -10.45
C ASP B 254 4.82 -0.97 -10.68
N ARG B 255 4.40 -1.59 -11.77
CA ARG B 255 2.97 -1.71 -12.10
C ARG B 255 2.20 -2.43 -10.99
N ALA B 256 2.76 -3.52 -10.48
CA ALA B 256 2.17 -4.31 -9.43
C ALA B 256 1.90 -3.54 -8.14
N ASP B 257 2.90 -2.75 -7.72
CA ASP B 257 2.85 -1.88 -6.50
C ASP B 257 1.71 -0.89 -6.62
N LEU B 258 1.63 -0.20 -7.75
CA LEU B 258 0.56 0.77 -7.95
C LEU B 258 -0.80 0.12 -7.87
N ALA B 259 -0.97 -1.01 -8.54
CA ALA B 259 -2.25 -1.68 -8.57
C ALA B 259 -2.69 -2.16 -7.18
N LYS B 260 -1.73 -2.67 -6.41
CA LYS B 260 -1.97 -3.06 -5.00
C LYS B 260 -2.33 -1.82 -4.19
N TYR B 261 -1.64 -0.71 -4.42
CA TYR B 261 -2.01 0.54 -3.70
C TYR B 261 -3.44 0.94 -4.04
N ILE B 262 -3.79 0.86 -5.32
CA ILE B 262 -5.16 1.23 -5.79
C ILE B 262 -6.17 0.26 -5.17
N CYS B 263 -5.81 -1.01 -5.14
CA CYS B 263 -6.72 -1.99 -4.56
C CYS B 263 -6.91 -1.89 -3.08
N GLU B 264 -5.90 -1.35 -2.40
CA GLU B 264 -5.95 -1.20 -0.97
C GLU B 264 -6.74 0.05 -0.56
N ASN B 265 -7.00 0.94 -1.50
CA ASN B 265 -7.68 2.21 -1.25
C ASN B 265 -8.86 2.41 -2.19
N GLN B 266 -9.69 1.40 -2.36
CA GLN B 266 -10.79 1.51 -3.32
C GLN B 266 -11.78 2.60 -2.91
N ASP B 267 -12.19 2.56 -1.65
CA ASP B 267 -13.11 3.57 -1.09
C ASP B 267 -12.68 5.01 -1.27
N SER B 268 -11.38 5.23 -1.37
CA SER B 268 -10.86 6.54 -1.64
C SER B 268 -10.77 6.89 -3.17
N ILE B 269 -11.03 5.92 -4.06
CA ILE B 269 -10.69 6.05 -5.46
C ILE B 269 -11.90 5.83 -6.38
N SER B 270 -12.52 4.65 -6.34
CA SER B 270 -13.69 4.38 -7.17
C SER B 270 -14.42 3.09 -6.75
N SER B 271 -15.74 3.14 -6.82
CA SER B 271 -16.66 2.00 -6.55
C SER B 271 -16.70 0.90 -7.63
N LYS B 272 -15.95 1.06 -8.72
CA LYS B 272 -15.96 0.09 -9.81
C LYS B 272 -14.73 -0.83 -9.86
N LEU B 273 -13.93 -0.86 -8.81
CA LEU B 273 -12.66 -1.64 -8.78
C LEU B 273 -12.76 -3.03 -8.17
N LYS B 274 -13.91 -3.36 -7.61
CA LYS B 274 -14.12 -4.63 -6.88
C LYS B 274 -13.62 -5.81 -7.67
N GLU B 275 -14.00 -5.88 -8.93
CA GLU B 275 -13.70 -7.02 -9.79
C GLU B 275 -12.22 -7.06 -10.20
N CYS B 276 -11.69 -5.92 -10.66
CA CYS B 276 -10.24 -5.85 -10.95
C CYS B 276 -9.39 -6.25 -9.78
N CYS B 277 -9.78 -5.83 -8.59
CA CYS B 277 -8.98 -6.00 -7.41
C CYS B 277 -9.03 -7.41 -6.81
N GLU B 278 -10.02 -8.19 -7.23
CA GLU B 278 -10.17 -9.61 -6.84
C GLU B 278 -9.44 -10.58 -7.83
N LYS B 279 -8.98 -10.07 -8.97
CA LYS B 279 -8.21 -10.87 -9.96
C LYS B 279 -6.75 -11.10 -9.53
N PRO B 280 -6.07 -12.09 -10.15
CA PRO B 280 -4.71 -12.37 -9.67
C PRO B 280 -3.65 -11.29 -10.09
N LEU B 281 -2.56 -11.21 -9.33
CA LEU B 281 -1.47 -10.25 -9.58
C LEU B 281 -1.30 -9.89 -11.06
N LEU B 282 -1.23 -10.93 -11.89
CA LEU B 282 -0.95 -10.82 -13.32
C LEU B 282 -1.93 -9.97 -14.12
N GLU B 283 -3.24 -10.09 -13.88
CA GLU B 283 -4.27 -9.32 -14.59
C GLU B 283 -4.66 -7.99 -13.93
N LYS B 284 -4.23 -7.80 -12.68
CA LYS B 284 -4.73 -6.66 -11.87
C LYS B 284 -4.57 -5.30 -12.52
N SER B 285 -3.31 -4.93 -12.79
CA SER B 285 -3.02 -3.61 -13.32
C SER B 285 -3.63 -3.40 -14.71
N HIS B 286 -3.73 -4.47 -15.52
CA HIS B 286 -4.37 -4.44 -16.82
C HIS B 286 -5.85 -4.14 -16.64
N CYS B 287 -6.53 -4.84 -15.74
CA CYS B 287 -7.96 -4.57 -15.46
C CYS B 287 -8.23 -3.12 -14.98
N ILE B 288 -7.44 -2.69 -14.00
CA ILE B 288 -7.59 -1.33 -13.48
C ILE B 288 -7.38 -0.30 -14.62
N ALA B 289 -6.41 -0.56 -15.52
CA ALA B 289 -6.10 0.38 -16.62
C ALA B 289 -7.25 0.61 -17.58
N GLU B 290 -8.12 -0.39 -17.66
CA GLU B 290 -9.32 -0.43 -18.50
C GLU B 290 -10.66 -0.20 -17.79
N VAL B 291 -10.70 -0.06 -16.47
CA VAL B 291 -12.00 0.02 -15.78
C VAL B 291 -12.83 1.22 -16.29
N GLU B 292 -14.15 1.06 -16.24
CA GLU B 292 -15.15 2.04 -16.69
C GLU B 292 -15.09 3.22 -15.68
N ASN B 293 -15.32 4.41 -16.19
CA ASN B 293 -15.46 5.64 -15.41
C ASN B 293 -16.47 5.41 -14.29
N ASP B 294 -16.15 5.81 -13.05
CA ASP B 294 -17.10 5.79 -11.95
C ASP B 294 -18.16 6.86 -12.26
N GLU B 295 -19.26 6.90 -11.52
CA GLU B 295 -20.27 7.95 -11.76
C GLU B 295 -19.82 9.19 -11.04
N MET B 296 -20.04 10.36 -11.64
CA MET B 296 -19.63 11.59 -10.98
C MET B 296 -20.59 11.83 -9.81
N PRO B 297 -20.10 12.41 -8.70
CA PRO B 297 -21.03 12.72 -7.61
C PRO B 297 -22.18 13.63 -8.09
N ALA B 298 -23.39 13.38 -7.62
CA ALA B 298 -24.58 14.08 -8.10
C ALA B 298 -24.43 15.59 -7.95
N ASP B 299 -24.20 16.02 -6.71
CA ASP B 299 -24.03 17.42 -6.40
C ASP B 299 -22.62 17.81 -6.79
N LEU B 300 -22.50 18.65 -7.83
CA LEU B 300 -21.21 19.23 -8.20
C LEU B 300 -21.44 20.68 -8.61
N PRO B 301 -20.82 21.62 -7.87
CA PRO B 301 -20.94 23.05 -8.19
C PRO B 301 -20.28 23.50 -9.49
N SER B 302 -20.64 24.71 -9.92
CA SER B 302 -19.96 25.37 -11.01
C SER B 302 -18.49 25.58 -10.66
N LEU B 303 -17.65 25.64 -11.68
CA LEU B 303 -16.23 25.93 -11.49
C LEU B 303 -15.94 27.44 -11.36
N ALA B 304 -16.93 28.29 -11.68
CA ALA B 304 -16.71 29.74 -11.69
C ALA B 304 -16.37 30.26 -10.31
N ALA B 305 -16.95 29.69 -9.26
CA ALA B 305 -16.59 30.09 -7.88
C ALA B 305 -15.08 30.08 -7.63
N ASP B 306 -14.46 28.93 -7.85
CA ASP B 306 -13.04 28.73 -7.54
C ASP B 306 -12.08 29.23 -8.61
N PHE B 307 -12.48 29.20 -9.88
CA PHE B 307 -11.58 29.47 -11.00
C PHE B 307 -11.80 30.77 -11.81
N VAL B 308 -12.93 31.46 -11.56
CA VAL B 308 -13.22 32.79 -12.18
C VAL B 308 -13.63 33.86 -11.15
N GLU B 309 -14.70 33.55 -10.39
CA GLU B 309 -15.32 34.48 -9.43
C GLU B 309 -14.45 34.86 -8.24
N SER B 310 -13.87 33.84 -7.61
CA SER B 310 -13.07 34.01 -6.39
C SER B 310 -12.05 35.11 -6.54
N LYS B 311 -12.06 36.04 -5.57
CA LYS B 311 -10.87 36.80 -5.25
C LYS B 311 -9.94 35.72 -4.68
N ASP B 312 -8.65 35.78 -4.99
CA ASP B 312 -7.67 34.71 -4.65
C ASP B 312 -7.27 33.83 -5.86
N VAL B 313 -7.80 34.10 -7.05
CA VAL B 313 -7.55 33.22 -8.19
C VAL B 313 -6.06 33.28 -8.50
N CYS B 314 -5.55 34.51 -8.62
CA CYS B 314 -4.17 34.78 -8.99
C CYS B 314 -3.24 34.44 -7.84
N LYS B 315 -3.70 34.62 -6.60
CA LYS B 315 -2.90 34.29 -5.41
C LYS B 315 -2.73 32.76 -5.29
N ASN B 316 -3.86 32.04 -5.40
CA ASN B 316 -3.88 30.61 -5.49
C ASN B 316 -3.10 30.04 -6.65
N TYR B 317 -3.20 30.68 -7.80
CA TYR B 317 -2.42 30.30 -8.96
C TYR B 317 -0.91 30.43 -8.72
N ALA B 318 -0.46 31.66 -8.40
CA ALA B 318 0.95 32.02 -8.28
C ALA B 318 1.74 31.27 -7.17
N GLU B 319 1.04 30.77 -6.15
CA GLU B 319 1.68 29.99 -5.09
C GLU B 319 2.23 28.63 -5.56
N ALA B 320 1.54 28.01 -6.51
CA ALA B 320 1.94 26.71 -7.08
C ALA B 320 1.13 26.47 -8.35
N LYS B 321 1.63 27.01 -9.46
CA LYS B 321 0.85 27.17 -10.69
C LYS B 321 0.38 25.80 -11.17
N ASP B 322 1.28 24.82 -11.13
CA ASP B 322 0.96 23.52 -11.66
C ASP B 322 -0.07 22.77 -10.82
N VAL B 323 -0.10 22.98 -9.50
CA VAL B 323 -1.09 22.34 -8.63
C VAL B 323 -2.44 23.05 -8.88
N PHE B 324 -2.45 24.37 -8.93
CA PHE B 324 -3.69 25.09 -9.30
C PHE B 324 -4.20 24.67 -10.66
N LEU B 325 -3.35 24.66 -11.66
CA LEU B 325 -3.77 24.22 -13.03
C LEU B 325 -4.18 22.77 -13.02
N GLY B 326 -3.48 21.96 -12.21
CA GLY B 326 -3.92 20.56 -12.02
C GLY B 326 -5.28 20.48 -11.39
N MET B 327 -5.52 21.31 -10.40
CA MET B 327 -6.79 21.37 -9.78
C MET B 327 -7.88 21.71 -10.78
N PHE B 328 -7.68 22.70 -11.60
CA PHE B 328 -8.72 23.06 -12.56
C PHE B 328 -9.00 21.89 -13.51
N LEU B 329 -7.91 21.20 -13.91
CA LEU B 329 -8.03 20.10 -14.88
C LEU B 329 -8.81 18.98 -14.22
N TYR B 330 -8.49 18.72 -12.97
CA TYR B 330 -9.21 17.69 -12.21
C TYR B 330 -10.68 18.05 -12.12
N GLU B 331 -10.96 19.26 -11.65
CA GLU B 331 -12.35 19.65 -11.50
C GLU B 331 -13.07 19.60 -12.86
N TYR B 332 -12.45 20.09 -13.94
CA TYR B 332 -13.14 20.08 -15.25
C TYR B 332 -13.31 18.66 -15.78
N ALA B 333 -12.20 17.92 -15.81
CA ALA B 333 -12.22 16.54 -16.26
C ALA B 333 -13.25 15.67 -15.54
N ARG B 334 -13.36 15.78 -14.21
CA ARG B 334 -14.31 14.85 -13.51
C ARG B 334 -15.81 15.16 -13.84
N ARG B 335 -16.05 16.41 -14.25
CA ARG B 335 -17.35 16.84 -14.74
C ARG B 335 -17.57 16.44 -16.19
N HIS B 336 -16.51 16.23 -16.97
CA HIS B 336 -16.66 15.89 -18.38
C HIS B 336 -15.97 14.60 -18.81
N PRO B 337 -16.56 13.42 -18.48
CA PRO B 337 -16.11 12.12 -19.06
C PRO B 337 -16.26 12.05 -20.59
N ASP B 338 -17.17 12.86 -21.11
CA ASP B 338 -17.46 12.91 -22.53
C ASP B 338 -16.45 13.65 -23.34
N TYR B 339 -15.54 14.40 -22.72
CA TYR B 339 -14.50 15.10 -23.49
C TYR B 339 -13.36 14.16 -23.84
N SER B 340 -12.67 14.46 -24.94
CA SER B 340 -11.38 13.89 -25.18
C SER B 340 -10.41 14.54 -24.18
N VAL B 341 -9.38 13.79 -23.83
CA VAL B 341 -8.40 14.27 -22.98
C VAL B 341 -7.70 15.45 -23.54
N VAL B 342 -7.30 15.34 -24.79
CA VAL B 342 -6.66 16.48 -25.47
C VAL B 342 -7.54 17.74 -25.41
N LEU B 343 -8.87 17.63 -25.38
CA LEU B 343 -9.71 18.85 -25.35
C LEU B 343 -9.60 19.47 -23.97
N LEU B 344 -9.54 18.61 -22.92
CA LEU B 344 -9.41 19.09 -21.55
C LEU B 344 -8.05 19.80 -21.43
N LEU B 345 -7.01 19.24 -22.08
CA LEU B 345 -5.68 19.89 -22.10
C LEU B 345 -5.61 21.20 -22.87
N ARG B 346 -6.34 21.31 -23.97
CA ARG B 346 -6.58 22.66 -24.56
C ARG B 346 -7.25 23.65 -23.62
N LEU B 347 -8.29 23.22 -22.90
CA LEU B 347 -9.04 24.08 -22.00
C LEU B 347 -8.13 24.58 -20.88
N ALA B 348 -7.42 23.63 -20.25
CA ALA B 348 -6.42 23.98 -19.27
C ALA B 348 -5.33 24.90 -19.80
N LYS B 349 -4.78 24.63 -20.98
CA LYS B 349 -3.80 25.54 -21.57
C LYS B 349 -4.38 26.96 -21.77
N THR B 350 -5.69 27.04 -22.06
CA THR B 350 -6.33 28.34 -22.36
C THR B 350 -6.47 29.06 -21.05
N TYR B 351 -6.95 28.33 -20.07
CA TYR B 351 -7.01 28.84 -18.73
C TYR B 351 -5.64 29.34 -18.20
N GLU B 352 -4.54 28.62 -18.55
CA GLU B 352 -3.17 28.96 -18.13
C GLU B 352 -2.68 30.20 -18.84
N THR B 353 -2.89 30.23 -20.15
CA THR B 353 -2.51 31.42 -20.95
C THR B 353 -3.31 32.60 -20.40
N THR B 354 -4.61 32.45 -20.13
CA THR B 354 -5.37 33.59 -19.65
C THR B 354 -4.80 34.10 -18.34
N LEU B 355 -4.46 33.21 -17.41
CA LEU B 355 -4.04 33.67 -16.11
C LEU B 355 -2.65 34.27 -16.20
N GLU B 356 -1.77 33.70 -17.02
CA GLU B 356 -0.44 34.28 -17.24
C GLU B 356 -0.50 35.73 -17.74
N LYS B 357 -1.42 36.00 -18.65
CA LYS B 357 -1.74 37.37 -19.11
C LYS B 357 -2.50 38.17 -18.04
N CYS B 358 -3.56 37.60 -17.48
CA CYS B 358 -4.46 38.34 -16.62
C CYS B 358 -3.98 38.62 -15.20
N CYS B 359 -3.21 37.71 -14.62
CA CYS B 359 -2.62 37.98 -13.32
C CYS B 359 -1.52 39.10 -13.41
N ALA B 360 -0.98 39.35 -14.60
CA ALA B 360 -0.05 40.48 -14.83
C ALA B 360 -0.74 41.79 -15.23
N ALA B 361 -1.97 41.72 -15.72
CA ALA B 361 -2.72 42.91 -16.19
C ALA B 361 -3.18 43.83 -15.06
N ALA B 362 -3.67 45.01 -15.46
CA ALA B 362 -4.07 46.05 -14.50
C ALA B 362 -5.20 45.62 -13.56
N ASP B 363 -6.24 45.00 -14.11
CA ASP B 363 -7.37 44.45 -13.31
C ASP B 363 -7.62 42.98 -13.64
N PRO B 364 -6.94 42.06 -12.91
CA PRO B 364 -7.04 40.61 -13.24
C PRO B 364 -8.46 40.03 -13.30
N HIS B 365 -9.24 40.30 -12.25
CA HIS B 365 -10.57 39.77 -12.11
C HIS B 365 -11.47 40.15 -13.28
N GLU B 366 -11.39 41.38 -13.73
CA GLU B 366 -12.11 41.76 -14.97
C GLU B 366 -11.44 41.18 -16.23
N CYS B 367 -10.13 41.02 -16.21
CA CYS B 367 -9.45 40.34 -17.32
C CYS B 367 -9.97 38.91 -17.63
N TYR B 368 -10.07 38.06 -16.62
CA TYR B 368 -10.39 36.65 -16.85
C TYR B 368 -11.85 36.32 -16.54
N ALA B 369 -12.64 37.37 -16.27
CA ALA B 369 -14.07 37.19 -15.97
C ALA B 369 -14.80 36.35 -17.00
N LYS B 370 -14.46 36.50 -18.29
CA LYS B 370 -15.05 35.69 -19.39
C LYS B 370 -14.08 34.65 -20.02
N VAL B 371 -13.30 33.99 -19.18
CA VAL B 371 -12.37 32.96 -19.68
C VAL B 371 -13.13 31.69 -20.11
N PHE B 372 -14.15 31.34 -19.35
CA PHE B 372 -15.07 30.31 -19.73
C PHE B 372 -15.71 30.50 -21.12
N ASP B 373 -15.85 31.74 -21.59
CA ASP B 373 -16.25 31.97 -23.00
C ASP B 373 -15.27 31.39 -24.05
N GLU B 374 -13.96 31.47 -23.76
CA GLU B 374 -12.93 30.99 -24.68
C GLU B 374 -12.99 29.47 -24.88
N PHE B 375 -13.66 28.75 -23.96
CA PHE B 375 -13.79 27.28 -24.03
C PHE B 375 -14.82 26.81 -25.03
N LYS B 376 -15.93 27.56 -25.16
CA LYS B 376 -17.06 27.10 -25.95
C LYS B 376 -16.65 26.70 -27.38
N PRO B 377 -15.87 27.50 -28.09
CA PRO B 377 -15.41 27.11 -29.45
C PRO B 377 -14.38 25.97 -29.45
N LEU B 378 -13.56 25.91 -28.41
CA LEU B 378 -12.70 24.71 -28.23
C LEU B 378 -13.53 23.44 -28.13
N VAL B 379 -14.59 23.43 -27.32
CA VAL B 379 -15.53 22.29 -27.23
C VAL B 379 -16.23 22.02 -28.52
N GLU B 380 -16.82 23.10 -29.09
CA GLU B 380 -17.69 23.01 -30.28
C GLU B 380 -17.03 22.34 -31.46
N GLU B 381 -15.77 22.67 -31.63
CA GLU B 381 -15.07 22.32 -32.82
C GLU B 381 -14.87 20.80 -32.97
N PRO B 382 -14.46 20.07 -31.90
CA PRO B 382 -14.40 18.64 -32.09
C PRO B 382 -15.79 18.03 -32.19
N GLN B 383 -16.75 18.62 -31.46
CA GLN B 383 -18.11 18.10 -31.48
C GLN B 383 -18.70 18.28 -32.89
N ASN B 384 -18.54 19.44 -33.48
CA ASN B 384 -19.05 19.65 -34.84
C ASN B 384 -18.34 18.76 -35.89
N LEU B 385 -17.07 18.47 -35.69
CA LEU B 385 -16.35 17.59 -36.61
C LEU B 385 -16.89 16.16 -36.58
N ILE B 386 -17.14 15.63 -35.40
CA ILE B 386 -17.68 14.31 -35.27
C ILE B 386 -19.15 14.23 -35.75
N LYS B 387 -19.98 15.21 -35.43
CA LYS B 387 -21.30 15.27 -36.07
C LYS B 387 -21.20 15.20 -37.59
N GLN B 388 -20.48 16.13 -38.20
CA GLN B 388 -20.45 16.21 -39.67
C GLN B 388 -20.00 14.86 -40.24
N ASN B 389 -18.83 14.40 -39.82
CA ASN B 389 -18.25 13.13 -40.29
C ASN B 389 -19.12 11.88 -39.97
N CYS B 390 -19.80 11.87 -38.81
CA CYS B 390 -20.67 10.70 -38.49
C CYS B 390 -22.00 10.79 -39.24
N GLU B 391 -22.55 11.98 -39.44
CA GLU B 391 -23.67 12.21 -40.39
C GLU B 391 -23.29 11.70 -41.78
N LEU B 392 -22.05 11.99 -42.20
CA LEU B 392 -21.51 11.54 -43.49
C LEU B 392 -21.37 10.04 -43.55
N PHE B 393 -20.80 9.45 -42.50
CA PHE B 393 -20.73 8.00 -42.42
C PHE B 393 -22.12 7.35 -42.49
N GLU B 394 -23.11 7.96 -41.83
CA GLU B 394 -24.51 7.49 -41.85
C GLU B 394 -25.14 7.39 -43.26
N GLN B 395 -24.87 8.39 -44.10
CA GLN B 395 -25.46 8.44 -45.45
C GLN B 395 -24.83 7.40 -46.35
N LEU B 396 -23.49 7.32 -46.33
CA LEU B 396 -22.75 6.45 -47.21
C LEU B 396 -21.73 5.63 -46.45
N GLY B 397 -22.23 4.55 -45.83
CA GLY B 397 -21.48 3.50 -45.12
C GLY B 397 -19.98 3.51 -45.13
N GLU B 398 -19.35 2.46 -44.62
CA GLU B 398 -17.92 2.55 -44.40
C GLU B 398 -17.12 2.77 -45.68
N TYR B 399 -17.21 1.82 -46.61
CA TYR B 399 -16.40 1.78 -47.83
C TYR B 399 -16.54 3.08 -48.60
N LYS B 400 -17.77 3.54 -48.80
CA LYS B 400 -17.99 4.78 -49.51
C LYS B 400 -17.72 6.01 -48.62
N PHE B 401 -17.65 5.81 -47.30
CA PHE B 401 -17.09 6.85 -46.41
C PHE B 401 -15.56 6.96 -46.59
N GLN B 402 -14.87 5.81 -46.64
CA GLN B 402 -13.43 5.75 -46.96
C GLN B 402 -13.16 6.48 -48.24
N ASN B 403 -14.05 6.35 -49.20
CA ASN B 403 -13.82 6.95 -50.50
C ASN B 403 -13.99 8.45 -50.47
N ALA B 404 -14.98 8.94 -49.73
CA ALA B 404 -15.13 10.36 -49.43
C ALA B 404 -13.89 10.94 -48.76
N LEU B 405 -13.37 10.22 -47.76
CA LEU B 405 -12.20 10.67 -47.03
C LEU B 405 -10.97 10.76 -47.90
N LEU B 406 -10.86 9.78 -48.81
CA LEU B 406 -9.73 9.60 -49.69
C LEU B 406 -9.65 10.72 -50.72
N VAL B 407 -10.81 11.10 -51.24
CA VAL B 407 -10.85 12.27 -52.14
C VAL B 407 -10.42 13.50 -51.36
N ARG B 408 -10.99 13.67 -50.15
CA ARG B 408 -10.68 14.80 -49.26
C ARG B 408 -9.22 14.97 -48.91
N TYR B 409 -8.56 13.90 -48.47
CA TYR B 409 -7.13 14.00 -48.10
C TYR B 409 -6.15 14.05 -49.27
N THR B 410 -6.46 13.35 -50.36
CA THR B 410 -5.66 13.43 -51.57
C THR B 410 -5.62 14.87 -52.11
N LYS B 411 -6.74 15.58 -52.03
CA LYS B 411 -6.75 17.01 -52.43
C LYS B 411 -5.93 17.91 -51.48
N LYS B 412 -5.99 17.59 -50.18
CA LYS B 412 -5.23 18.37 -49.19
C LYS B 412 -3.73 18.18 -49.30
N VAL B 413 -3.29 16.94 -49.54
CA VAL B 413 -1.87 16.58 -49.54
C VAL B 413 -1.57 15.54 -50.63
N PRO B 414 -1.78 15.92 -51.91
CA PRO B 414 -1.54 15.00 -53.04
C PRO B 414 -0.10 14.56 -53.29
N GLN B 415 0.88 15.12 -52.58
CA GLN B 415 2.29 14.67 -52.65
C GLN B 415 2.51 13.35 -51.89
N VAL B 416 1.59 13.02 -50.99
CA VAL B 416 1.68 11.80 -50.19
C VAL B 416 1.49 10.61 -51.11
N SER B 417 2.17 9.51 -50.76
CA SER B 417 2.14 8.26 -51.50
C SER B 417 0.73 7.71 -51.54
N THR B 418 0.35 7.23 -52.72
CA THR B 418 -0.96 6.63 -52.95
C THR B 418 -1.22 5.49 -51.94
N PRO B 419 -0.23 4.59 -51.71
CA PRO B 419 -0.43 3.49 -50.72
C PRO B 419 -0.82 3.98 -49.35
N THR B 420 -0.10 5.00 -48.87
CA THR B 420 -0.33 5.61 -47.57
C THR B 420 -1.66 6.37 -47.50
N LEU B 421 -2.04 7.09 -48.54
CA LEU B 421 -3.35 7.73 -48.52
C LEU B 421 -4.48 6.69 -48.40
N VAL B 422 -4.32 5.57 -49.11
CA VAL B 422 -5.30 4.51 -49.10
C VAL B 422 -5.35 3.96 -47.67
N GLU B 423 -4.24 3.40 -47.21
CA GLU B 423 -4.20 2.81 -45.90
C GLU B 423 -4.85 3.76 -44.89
N VAL B 424 -4.28 4.95 -44.72
CA VAL B 424 -4.78 5.86 -43.65
C VAL B 424 -6.24 6.33 -43.79
N SER B 425 -6.73 6.49 -45.02
CA SER B 425 -8.19 6.71 -45.24
C SER B 425 -9.01 5.47 -44.90
N ARG B 426 -8.45 4.29 -45.18
CA ARG B 426 -9.06 3.07 -44.75
C ARG B 426 -9.13 3.10 -43.23
N ASN B 427 -7.98 3.23 -42.57
CA ASN B 427 -7.91 3.29 -41.08
C ASN B 427 -8.87 4.35 -40.48
N LEU B 428 -8.84 5.58 -41.00
CA LEU B 428 -9.79 6.61 -40.54
C LEU B 428 -11.23 6.20 -40.67
N GLY B 429 -11.53 5.48 -41.74
CA GLY B 429 -12.87 5.02 -42.01
C GLY B 429 -13.40 3.98 -41.05
N LYS B 430 -12.52 3.06 -40.66
CA LYS B 430 -12.84 2.09 -39.62
C LYS B 430 -13.22 2.81 -38.33
N VAL B 431 -12.45 3.85 -37.99
CA VAL B 431 -12.66 4.59 -36.75
C VAL B 431 -14.07 5.17 -36.74
N GLY B 432 -14.56 5.62 -37.90
CA GLY B 432 -15.99 5.92 -38.04
C GLY B 432 -16.92 4.75 -37.68
N SER B 433 -16.61 3.57 -38.21
CA SER B 433 -17.45 2.37 -37.94
C SER B 433 -17.52 2.02 -36.46
N LYS B 434 -16.40 2.12 -35.76
CA LYS B 434 -16.37 1.89 -34.34
C LYS B 434 -17.11 3.00 -33.58
N CYS B 435 -16.69 4.24 -33.78
CA CYS B 435 -17.10 5.34 -32.89
C CYS B 435 -18.40 6.02 -33.19
N CYS B 436 -18.86 6.01 -34.45
CA CYS B 436 -20.20 6.53 -34.74
C CYS B 436 -21.36 5.64 -34.20
N LYS B 437 -21.09 4.39 -33.85
CA LYS B 437 -22.08 3.54 -33.16
C LYS B 437 -22.28 3.86 -31.65
N HIS B 438 -21.49 4.78 -31.09
CA HIS B 438 -21.69 5.29 -29.72
C HIS B 438 -22.52 6.57 -29.76
N PRO B 439 -23.23 6.90 -28.65
CA PRO B 439 -23.98 8.16 -28.59
C PRO B 439 -23.06 9.37 -28.37
N GLU B 440 -23.54 10.57 -28.68
CA GLU B 440 -22.71 11.80 -28.58
C GLU B 440 -21.77 11.79 -27.36
N ALA B 441 -22.25 11.33 -26.22
CA ALA B 441 -21.46 11.37 -25.00
C ALA B 441 -20.15 10.59 -25.10
N LYS B 442 -20.14 9.44 -25.78
CA LYS B 442 -18.95 8.56 -25.76
C LYS B 442 -18.04 8.63 -27.00
N ARG B 443 -18.39 9.53 -27.93
CA ARG B 443 -17.73 9.63 -29.22
C ARG B 443 -16.34 10.24 -29.16
N MET B 444 -16.24 11.40 -28.50
CA MET B 444 -14.98 12.16 -28.52
C MET B 444 -13.84 11.35 -27.90
N PRO B 445 -14.09 10.65 -26.78
CA PRO B 445 -13.01 9.77 -26.28
C PRO B 445 -12.62 8.65 -27.20
N CYS B 446 -13.61 7.92 -27.74
CA CYS B 446 -13.38 6.82 -28.72
C CYS B 446 -12.50 7.33 -29.87
N ALA B 447 -12.97 8.42 -30.49
CA ALA B 447 -12.29 9.06 -31.58
C ALA B 447 -10.83 9.43 -31.24
N GLU B 448 -10.58 10.01 -30.06
CA GLU B 448 -9.24 10.32 -29.59
C GLU B 448 -8.34 9.09 -29.38
N ASP B 449 -8.90 8.01 -28.83
CA ASP B 449 -8.11 6.78 -28.61
C ASP B 449 -7.50 6.29 -29.94
N TYR B 450 -8.35 6.16 -30.95
CA TYR B 450 -7.94 5.52 -32.20
C TYR B 450 -7.21 6.50 -33.13
N LEU B 451 -7.69 7.73 -33.20
CA LEU B 451 -7.02 8.73 -34.03
C LEU B 451 -5.60 8.96 -33.60
N SER B 452 -5.35 9.04 -32.28
CA SER B 452 -3.99 9.10 -31.77
C SER B 452 -3.04 8.18 -32.54
N VAL B 453 -3.41 6.90 -32.65
CA VAL B 453 -2.53 5.92 -33.29
C VAL B 453 -2.56 5.98 -34.83
N VAL B 454 -3.69 6.34 -35.43
CA VAL B 454 -3.68 6.55 -36.88
C VAL B 454 -2.78 7.74 -37.23
N LEU B 455 -2.88 8.85 -36.49
CA LEU B 455 -2.10 10.10 -36.70
C LEU B 455 -0.63 9.91 -36.39
N ASN B 456 -0.30 9.17 -35.36
CA ASN B 456 1.11 8.76 -35.18
C ASN B 456 1.73 7.83 -36.26
N GLN B 457 1.06 6.72 -36.62
CA GLN B 457 1.44 5.83 -37.75
C GLN B 457 1.68 6.60 -39.05
N LEU B 458 0.79 7.55 -39.29
CA LEU B 458 0.88 8.51 -40.39
C LEU B 458 2.21 9.30 -40.36
N CYS B 459 2.46 9.94 -39.22
CA CYS B 459 3.69 10.71 -39.02
C CYS B 459 4.95 9.83 -38.93
N VAL B 460 4.81 8.58 -38.49
CA VAL B 460 5.95 7.66 -38.44
C VAL B 460 6.40 7.36 -39.90
N LEU B 461 5.46 6.95 -40.76
CA LEU B 461 5.79 6.77 -42.19
C LEU B 461 6.46 8.01 -42.76
N HIS B 462 5.93 9.19 -42.42
CA HIS B 462 6.40 10.44 -43.01
C HIS B 462 7.77 11.00 -42.58
N GLU B 463 8.26 10.68 -41.38
CA GLU B 463 9.65 10.99 -41.04
C GLU B 463 10.59 10.11 -41.84
N LYS B 464 10.25 8.84 -42.03
CA LYS B 464 11.14 7.90 -42.69
C LYS B 464 11.39 8.19 -44.18
N THR B 465 10.45 8.87 -44.84
CA THR B 465 10.69 9.51 -46.15
C THR B 465 9.72 10.69 -46.32
N PRO B 466 10.14 11.90 -45.91
CA PRO B 466 9.31 13.11 -46.03
C PRO B 466 8.84 13.40 -47.45
N VAL B 467 7.91 14.34 -47.56
CA VAL B 467 7.13 14.57 -48.79
C VAL B 467 6.33 15.86 -48.82
N SER B 468 5.77 16.25 -47.68
CA SER B 468 5.10 17.54 -47.53
C SER B 468 5.60 18.19 -46.24
N ASP B 469 6.12 19.39 -46.38
CA ASP B 469 6.43 20.23 -45.25
C ASP B 469 5.22 20.44 -44.31
N ARG B 470 4.03 20.55 -44.90
CA ARG B 470 2.79 20.73 -44.16
C ARG B 470 2.50 19.55 -43.27
N VAL B 471 2.64 18.37 -43.83
CA VAL B 471 2.43 17.16 -43.07
C VAL B 471 3.45 17.15 -41.95
N THR B 472 4.67 17.61 -42.24
CA THR B 472 5.67 17.77 -41.20
C THR B 472 5.27 18.79 -40.15
N LYS B 473 4.70 19.91 -40.58
CA LYS B 473 4.26 20.97 -39.66
C LYS B 473 3.26 20.46 -38.62
N CYS B 474 2.44 19.47 -38.98
CA CYS B 474 1.50 18.90 -38.02
C CYS B 474 2.11 17.79 -37.17
N CYS B 475 3.01 17.02 -37.76
CA CYS B 475 3.66 15.89 -37.05
C CYS B 475 4.62 16.25 -35.93
N THR B 476 5.15 17.47 -35.97
CA THR B 476 6.09 18.00 -34.98
C THR B 476 5.43 19.03 -34.07
N GLU B 477 4.13 19.25 -34.24
CA GLU B 477 3.36 20.25 -33.49
C GLU B 477 3.12 19.70 -32.09
N SER B 478 2.78 20.57 -31.14
CA SER B 478 2.41 20.14 -29.80
C SER B 478 1.32 19.05 -29.83
N LEU B 479 1.29 18.19 -28.81
CA LEU B 479 0.24 17.14 -28.69
C LEU B 479 -1.19 17.69 -28.78
N VAL B 480 -1.36 18.90 -28.31
CA VAL B 480 -2.63 19.61 -28.29
C VAL B 480 -3.08 20.07 -29.72
N ASN B 481 -2.12 20.46 -30.55
CA ASN B 481 -2.38 20.99 -31.91
C ASN B 481 -2.25 19.98 -33.10
N ARG B 482 -1.84 18.73 -32.83
CA ARG B 482 -1.63 17.74 -33.88
C ARG B 482 -2.84 17.51 -34.79
N ARG B 483 -3.99 17.11 -34.24
CA ARG B 483 -5.16 16.87 -35.05
C ARG B 483 -5.78 18.22 -35.63
N PRO B 484 -5.98 19.24 -34.80
CA PRO B 484 -6.43 20.51 -35.33
C PRO B 484 -5.56 21.07 -36.47
N CYS B 485 -4.24 20.95 -36.36
CA CYS B 485 -3.28 21.30 -37.45
C CYS B 485 -3.58 20.54 -38.75
N PHE B 486 -3.82 19.24 -38.64
CA PHE B 486 -4.29 18.47 -39.82
C PHE B 486 -5.67 18.91 -40.31
N SER B 487 -6.60 19.08 -39.37
CA SER B 487 -7.93 19.58 -39.71
C SER B 487 -7.95 21.00 -40.32
N ALA B 488 -6.85 21.75 -40.17
CA ALA B 488 -6.69 23.08 -40.81
C ALA B 488 -6.07 23.05 -42.23
N LEU B 489 -5.58 21.89 -42.65
CA LEU B 489 -4.98 21.77 -43.97
C LEU B 489 -6.12 21.94 -44.98
N GLU B 490 -6.02 22.99 -45.79
CA GLU B 490 -6.90 23.21 -46.95
C GLU B 490 -6.28 22.56 -48.20
N VAL B 491 -7.03 22.59 -49.30
CA VAL B 491 -6.59 21.97 -50.58
C VAL B 491 -5.29 22.62 -51.09
N ASP B 492 -4.38 21.81 -51.62
CA ASP B 492 -3.14 22.32 -52.20
C ASP B 492 -3.42 22.83 -53.62
N GLU B 493 -3.79 24.12 -53.74
CA GLU B 493 -3.92 24.82 -55.05
C GLU B 493 -2.57 25.05 -55.78
N THR B 494 -1.46 24.84 -55.06
CA THR B 494 -0.10 24.83 -55.61
C THR B 494 0.26 23.50 -56.29
N TYR B 495 -0.57 22.47 -56.09
CA TYR B 495 -0.34 21.17 -56.72
C TYR B 495 -0.50 21.22 -58.23
N VAL B 496 0.62 21.02 -58.92
CA VAL B 496 0.61 20.68 -60.34
C VAL B 496 -0.03 19.29 -60.57
N PRO B 497 -0.95 19.16 -61.55
CA PRO B 497 -1.58 17.86 -61.72
C PRO B 497 -0.62 16.85 -62.32
N LYS B 498 -0.75 15.58 -61.94
CA LYS B 498 0.21 14.56 -62.36
C LYS B 498 -0.10 13.94 -63.72
N GLU B 499 0.97 13.41 -64.32
CA GLU B 499 0.96 12.80 -65.65
C GLU B 499 -0.16 11.76 -65.77
N PHE B 500 -0.85 11.79 -66.91
CA PHE B 500 -1.77 10.70 -67.25
C PHE B 500 -0.97 9.44 -67.58
N ASN B 501 -1.29 8.36 -66.90
CA ASN B 501 -0.73 7.05 -67.21
C ASN B 501 -1.89 6.08 -67.49
N ALA B 502 -1.77 5.33 -68.58
CA ALA B 502 -2.85 4.48 -69.07
C ALA B 502 -2.98 3.19 -68.27
N GLU B 503 -1.85 2.56 -67.90
CA GLU B 503 -1.83 1.32 -67.07
C GLU B 503 -2.57 1.54 -65.75
N THR B 504 -2.24 2.65 -65.09
CA THR B 504 -2.92 3.11 -63.88
C THR B 504 -4.44 2.92 -63.99
N PHE B 505 -4.99 3.32 -65.13
CA PHE B 505 -6.42 3.17 -65.41
C PHE B 505 -6.74 2.02 -66.39
N THR B 506 -6.02 0.90 -66.27
CA THR B 506 -6.38 -0.33 -66.96
C THR B 506 -6.56 -1.39 -65.91
N PHE B 507 -7.67 -2.11 -66.02
CA PHE B 507 -8.02 -3.16 -65.09
C PHE B 507 -8.26 -4.41 -65.91
N HIS B 508 -7.93 -5.56 -65.33
CA HIS B 508 -8.09 -6.85 -66.01
C HIS B 508 -9.21 -7.62 -65.31
N ALA B 509 -9.60 -8.76 -65.89
CA ALA B 509 -10.71 -9.55 -65.36
C ALA B 509 -10.42 -10.21 -64.00
N ASP B 510 -9.14 -10.21 -63.60
CA ASP B 510 -8.74 -10.72 -62.27
C ASP B 510 -9.25 -9.93 -61.05
N ILE B 511 -9.82 -8.72 -61.25
CA ILE B 511 -10.48 -7.99 -60.13
C ILE B 511 -11.90 -8.46 -59.76
N CYS B 512 -12.57 -9.16 -60.66
CA CYS B 512 -13.79 -9.88 -60.31
C CYS B 512 -13.51 -11.08 -59.41
N THR B 513 -12.26 -11.56 -59.44
CA THR B 513 -11.78 -12.72 -58.66
C THR B 513 -11.01 -12.35 -57.37
N LEU B 514 -10.80 -11.07 -57.09
CA LEU B 514 -10.11 -10.70 -55.85
C LEU B 514 -11.14 -10.68 -54.74
N SER B 515 -10.65 -10.87 -53.51
CA SER B 515 -11.48 -10.72 -52.31
C SER B 515 -12.11 -9.33 -52.25
N GLU B 516 -13.23 -9.22 -51.52
CA GLU B 516 -13.95 -7.95 -51.36
C GLU B 516 -12.96 -6.87 -50.93
N LYS B 517 -12.10 -7.25 -49.98
CA LYS B 517 -11.09 -6.36 -49.39
C LYS B 517 -10.04 -5.90 -50.43
N GLU B 518 -9.49 -6.86 -51.17
CA GLU B 518 -8.52 -6.58 -52.25
C GLU B 518 -9.08 -5.76 -53.40
N ARG B 519 -10.36 -5.95 -53.69
CA ARG B 519 -11.07 -5.27 -54.77
C ARG B 519 -11.24 -3.80 -54.38
N GLN B 520 -11.53 -3.56 -53.10
CA GLN B 520 -11.67 -2.20 -52.57
C GLN B 520 -10.35 -1.46 -52.65
N ILE B 521 -9.28 -2.07 -52.13
CA ILE B 521 -7.96 -1.47 -52.18
C ILE B 521 -7.58 -1.03 -53.61
N LYS B 522 -7.92 -1.85 -54.62
CA LYS B 522 -7.53 -1.55 -56.01
C LYS B 522 -8.38 -0.43 -56.61
N LYS B 523 -9.69 -0.41 -56.34
CA LYS B 523 -10.57 0.69 -56.77
C LYS B 523 -10.16 1.99 -56.12
N GLN B 524 -9.86 1.94 -54.83
CA GLN B 524 -9.47 3.11 -54.03
C GLN B 524 -8.15 3.66 -54.51
N THR B 525 -7.25 2.76 -54.89
CA THR B 525 -5.98 3.13 -55.50
C THR B 525 -6.18 3.93 -56.81
N ALA B 526 -7.10 3.50 -57.64
CA ALA B 526 -7.46 4.27 -58.84
C ALA B 526 -8.24 5.56 -58.55
N LEU B 527 -8.89 5.61 -57.39
CA LEU B 527 -9.62 6.81 -56.98
C LEU B 527 -8.62 7.86 -56.66
N VAL B 528 -7.61 7.48 -55.86
CA VAL B 528 -6.55 8.40 -55.44
C VAL B 528 -5.80 8.96 -56.63
N GLU B 529 -5.49 8.05 -57.55
CA GLU B 529 -4.73 8.36 -58.76
C GLU B 529 -5.56 9.22 -59.73
N LEU B 530 -6.86 9.01 -59.76
CA LEU B 530 -7.80 9.85 -60.51
C LEU B 530 -7.86 11.28 -59.96
N VAL B 531 -7.78 11.41 -58.64
CA VAL B 531 -7.84 12.71 -57.96
C VAL B 531 -6.52 13.41 -58.11
N LYS B 532 -5.42 12.70 -57.92
CA LYS B 532 -4.10 13.25 -58.28
C LYS B 532 -3.91 13.72 -59.73
N HIS B 533 -4.57 13.04 -60.67
CA HIS B 533 -4.44 13.43 -62.06
C HIS B 533 -5.42 14.57 -62.43
N LYS B 534 -6.62 14.55 -61.88
CA LYS B 534 -7.54 15.69 -62.02
C LYS B 534 -8.13 16.24 -60.69
N PRO B 535 -7.31 17.00 -59.94
CA PRO B 535 -7.73 17.54 -58.64
C PRO B 535 -8.89 18.55 -58.71
N LYS B 536 -8.95 19.37 -59.76
CA LYS B 536 -10.10 20.30 -59.93
C LYS B 536 -11.44 19.58 -60.21
N ALA B 537 -11.44 18.25 -60.30
CA ALA B 537 -12.67 17.47 -60.45
C ALA B 537 -13.67 17.69 -59.29
N THR B 538 -14.82 18.27 -59.63
CA THR B 538 -15.88 18.56 -58.68
C THR B 538 -16.48 17.23 -58.18
N LYS B 539 -17.25 17.28 -57.07
CA LYS B 539 -17.98 16.08 -56.61
C LYS B 539 -18.84 15.49 -57.72
N GLU B 540 -19.59 16.36 -58.40
CA GLU B 540 -20.51 15.98 -59.49
C GLU B 540 -19.88 15.02 -60.50
N GLN B 541 -18.75 15.46 -61.05
CA GLN B 541 -18.06 14.78 -62.12
C GLN B 541 -17.48 13.47 -61.59
N LEU B 542 -16.71 13.57 -60.50
CA LEU B 542 -16.12 12.41 -59.85
C LEU B 542 -17.16 11.34 -59.59
N LYS B 543 -18.31 11.72 -59.06
CA LYS B 543 -19.41 10.76 -58.86
C LYS B 543 -19.73 10.08 -60.18
N ALA B 544 -20.04 10.86 -61.22
CA ALA B 544 -20.38 10.30 -62.54
C ALA B 544 -19.31 9.33 -63.13
N VAL B 545 -18.03 9.55 -62.83
CA VAL B 545 -16.95 8.64 -63.26
C VAL B 545 -17.01 7.34 -62.44
N MET B 546 -16.97 7.47 -61.12
CA MET B 546 -17.09 6.34 -60.20
C MET B 546 -18.29 5.44 -60.50
N ASP B 547 -19.41 6.07 -60.82
CA ASP B 547 -20.66 5.39 -61.07
C ASP B 547 -20.59 4.58 -62.38
N ASP B 548 -19.89 5.13 -63.38
CA ASP B 548 -19.63 4.42 -64.66
C ASP B 548 -18.62 3.31 -64.43
N PHE B 549 -17.56 3.58 -63.66
CA PHE B 549 -16.65 2.52 -63.25
C PHE B 549 -17.42 1.40 -62.58
N ALA B 550 -18.32 1.76 -61.66
CA ALA B 550 -19.18 0.76 -60.99
C ALA B 550 -20.08 -0.02 -61.96
N ALA B 551 -20.61 0.67 -62.99
CA ALA B 551 -21.37 0.05 -64.09
C ALA B 551 -20.48 -0.88 -64.92
N PHE B 552 -19.46 -0.29 -65.55
CA PHE B 552 -18.37 -1.01 -66.17
C PHE B 552 -18.02 -2.34 -65.44
N VAL B 553 -17.57 -2.25 -64.19
CA VAL B 553 -17.12 -3.44 -63.45
C VAL B 553 -18.21 -4.51 -63.42
N GLU B 554 -19.42 -4.15 -62.99
CA GLU B 554 -20.54 -5.10 -62.85
C GLU B 554 -20.92 -5.70 -64.20
N LYS B 555 -20.90 -4.88 -65.25
CA LYS B 555 -21.09 -5.33 -66.64
C LYS B 555 -20.07 -6.42 -67.00
N CYS B 556 -18.78 -6.11 -66.90
CA CYS B 556 -17.74 -7.05 -67.37
C CYS B 556 -17.52 -8.29 -66.51
N CYS B 557 -17.89 -8.26 -65.23
CA CYS B 557 -17.79 -9.45 -64.37
C CYS B 557 -18.98 -10.40 -64.57
N LYS B 558 -20.11 -9.84 -65.03
CA LYS B 558 -21.37 -10.57 -65.22
C LYS B 558 -21.50 -11.07 -66.65
N ALA B 559 -20.77 -10.47 -67.58
CA ALA B 559 -20.91 -10.75 -69.01
C ALA B 559 -20.24 -12.06 -69.42
N ASP B 560 -20.72 -12.65 -70.51
CA ASP B 560 -20.06 -13.78 -71.15
C ASP B 560 -18.75 -13.28 -71.72
N ASP B 561 -17.67 -13.97 -71.39
CA ASP B 561 -16.30 -13.53 -71.67
C ASP B 561 -15.95 -12.25 -70.85
N LYS B 562 -14.88 -12.34 -70.07
CA LYS B 562 -14.45 -11.29 -69.14
C LYS B 562 -13.40 -10.36 -69.77
N GLU B 563 -12.24 -10.91 -70.12
CA GLU B 563 -11.07 -10.07 -70.44
C GLU B 563 -11.20 -9.15 -71.65
N THR B 564 -11.96 -9.58 -72.66
CA THR B 564 -12.25 -8.73 -73.82
C THR B 564 -13.06 -7.50 -73.39
N CYS B 565 -14.10 -7.71 -72.56
CA CYS B 565 -14.91 -6.61 -72.01
C CYS B 565 -14.07 -5.57 -71.30
N PHE B 566 -13.24 -6.03 -70.38
CA PHE B 566 -12.31 -5.16 -69.64
C PHE B 566 -11.41 -4.33 -70.55
N ALA B 567 -10.98 -4.90 -71.67
CA ALA B 567 -10.18 -4.15 -72.65
C ALA B 567 -11.02 -3.18 -73.49
N GLU B 568 -12.18 -3.64 -73.97
CA GLU B 568 -13.00 -2.84 -74.91
C GLU B 568 -13.76 -1.73 -74.19
N GLU B 569 -14.43 -2.11 -73.11
CA GLU B 569 -15.19 -1.15 -72.31
C GLU B 569 -14.22 -0.24 -71.53
N GLY B 570 -13.05 -0.77 -71.17
CA GLY B 570 -12.02 0.01 -70.50
C GLY B 570 -11.62 1.18 -71.36
N LYS B 571 -11.18 0.90 -72.57
CA LYS B 571 -10.78 1.95 -73.55
C LYS B 571 -11.83 3.05 -73.60
N LYS B 572 -13.11 2.65 -73.68
CA LYS B 572 -14.25 3.56 -73.73
C LYS B 572 -14.37 4.41 -72.48
N LEU B 573 -14.39 3.75 -71.30
CA LEU B 573 -14.48 4.45 -69.99
C LEU B 573 -13.38 5.48 -69.76
N VAL B 574 -12.14 5.09 -70.00
CA VAL B 574 -10.99 5.99 -69.86
C VAL B 574 -11.16 7.21 -70.78
N ALA B 575 -11.44 6.95 -72.05
CA ALA B 575 -11.64 8.03 -73.01
C ALA B 575 -12.74 8.99 -72.57
N ALA B 576 -13.89 8.44 -72.13
CA ALA B 576 -15.07 9.25 -71.78
C ALA B 576 -14.88 10.03 -70.48
N SER B 577 -14.09 9.48 -69.57
CA SER B 577 -13.75 10.16 -68.34
C SER B 577 -12.79 11.33 -68.62
N GLN B 578 -11.76 11.13 -69.44
CA GLN B 578 -10.81 12.23 -69.73
C GLN B 578 -11.51 13.51 -70.24
N ALA B 579 -12.43 13.35 -71.19
CA ALA B 579 -13.09 14.48 -71.82
C ALA B 579 -14.12 15.14 -70.89
N ALA B 580 -14.92 14.34 -70.18
CA ALA B 580 -15.89 14.86 -69.20
C ALA B 580 -15.23 15.83 -68.23
N LEU B 581 -14.09 15.41 -67.67
CA LEU B 581 -13.23 16.27 -66.84
C LEU B 581 -12.46 17.29 -67.70
CU01 A1D6U C . -0.15 8.97 33.20
S003 A1D6U C . 1.34 10.17 33.82
N007 A1D6U C . -0.98 9.42 34.88
N008 A1D6U C . -1.90 7.90 33.10
N00C A1D6U C . -0.43 10.23 35.77
N00E A1D6U C . 1.58 11.69 36.31
C00F A1D6U C . -2.14 8.89 35.11
C00G A1D6U C . -2.67 8.06 34.19
C00J A1D6U C . 0.80 10.78 35.45
C00L A1D6U C . -2.27 7.10 32.06
C00O A1D6U C . -2.84 9.22 36.48
C00Q A1D6U C . -3.49 6.42 32.08
C00T A1D6U C . -3.90 7.36 34.23
C00U A1D6U C . 2.58 12.61 35.74
C00V A1D6U C . -4.29 6.56 33.18
C00Y A1D6U C . -2.77 7.98 37.40
C00Z A1D6U C . 1.36 11.68 37.76
C012 A1D6U C . -4.30 9.75 36.40
C IMN D . -6.26 -5.40 18.33
C1 IMN D . -6.79 -6.62 18.69
C2 IMN D . -8.10 -6.93 18.27
C3 IMN D . -8.82 -6.02 17.50
C4 IMN D . -8.28 -4.80 17.13
C5 IMN D . -7.01 -4.49 17.54
C6 IMN D . -10.89 -7.05 17.86
C7 IMN D . -5.78 -7.28 19.47
C8 IMN D . -4.71 -6.41 19.52
C9 IMN D . -4.23 -4.02 18.57
C10 IMN D . -2.82 -3.98 19.11
C11 IMN D . -2.35 -3.25 20.20
C12 IMN D . -1.00 -3.40 20.52
C13 IMN D . -0.22 -4.26 19.73
C14 IMN D . -0.73 -4.96 18.68
C15 IMN D . -2.02 -4.81 18.35
C16 IMN D . -3.43 -6.83 20.29
C17 IMN D . -5.74 -8.70 20.17
C18 IMN D . -6.96 -9.66 20.08
N IMN D . -5.03 -5.28 18.80
O IMN D . -10.10 -6.26 17.04
O1 IMN D . -4.58 -3.11 17.92
O2 IMN D . -7.69 -9.67 19.03
O3 IMN D . -7.18 -10.46 21.03
CL IMN D . 1.50 -4.60 19.96
C1 PLM E . -4.22 10.64 41.20
O1 PLM E . -4.97 10.71 42.21
O2 PLM E . -3.33 9.74 41.12
C2 PLM E . -4.46 11.64 40.08
C3 PLM E . -5.66 12.58 40.38
C4 PLM E . -7.00 11.86 40.66
C5 PLM E . -8.22 12.41 39.94
C6 PLM E . -8.18 12.35 38.40
C7 PLM E . -9.07 11.29 37.75
C8 PLM E . -9.68 11.66 36.40
C9 PLM E . -8.78 11.24 35.23
CA PLM E . -9.49 11.08 33.88
CB PLM E . -8.85 9.97 33.02
C1 PLM F . -11.63 1.13 17.96
O1 PLM F . -10.59 1.35 18.65
O2 PLM F . -12.28 0.04 17.96
C2 PLM F . -12.16 2.25 17.06
C3 PLM F . -13.14 3.12 17.82
C4 PLM F . -13.34 4.50 17.19
C5 PLM F . -12.65 5.59 18.04
C6 PLM F . -13.02 6.99 17.55
C7 PLM F . -11.87 7.99 17.61
C8 PLM F . -12.04 9.05 16.51
C9 PLM F . -12.36 10.45 17.00
CA PLM F . -11.14 11.38 17.03
CB PLM F . -11.46 12.86 17.18
CC PLM F . -12.07 13.49 15.93
CD PLM F . -11.63 14.94 15.78
CE PLM F . -12.63 15.85 15.06
CF PLM F . -11.87 16.96 14.32
CG PLM F . -12.72 18.18 13.97
C1 PLM G . 9.38 -16.07 30.83
O1 PLM G . 10.49 -15.58 30.49
O2 PLM G . 9.04 -17.23 30.57
C2 PLM G . 8.36 -15.29 31.61
C3 PLM G . 8.10 -15.95 32.96
C4 PLM G . 8.56 -15.12 34.17
C5 PLM G . 9.12 -15.99 35.31
C6 PLM G . 8.96 -15.38 36.71
C7 PLM G . 10.24 -14.79 37.30
C8 PLM G . 9.96 -13.55 38.18
C9 PLM G . 10.34 -13.75 39.66
CA PLM G . 10.24 -12.47 40.48
CB PLM G . 8.83 -11.86 40.50
CC PLM G . 7.82 -12.78 41.19
CD PLM G . 6.88 -13.48 40.22
CE PLM G . 5.92 -14.39 40.95
CF PLM G . 4.93 -15.00 39.96
C1 PLM H . 14.62 -13.69 38.21
O1 PLM H . 15.07 -14.85 38.02
O2 PLM H . 14.82 -13.04 39.25
C2 PLM H . 13.75 -13.07 37.12
C3 PLM H . 14.41 -11.92 36.34
C4 PLM H . 13.91 -10.53 36.77
C5 PLM H . 14.94 -9.41 36.59
C6 PLM H . 16.04 -9.65 37.63
C7 PLM H . 17.32 -8.87 37.46
C8 PLM H . 17.09 -7.37 37.52
C9 PLM H . 16.85 -6.92 38.95
CA PLM H . 16.62 -5.42 39.06
CB PLM H . 17.92 -4.63 38.89
CC PLM H . 17.67 -3.19 38.48
CD PLM H . 18.14 -2.96 37.03
CE PLM H . 17.86 -1.54 36.51
CF PLM H . 18.88 -0.94 35.54
CG PLM H . 18.91 0.58 35.71
C1 PLM I . 11.66 -5.03 58.74
O1 PLM I . 11.42 -5.90 59.64
O2 PLM I . 10.93 -4.01 58.59
C2 PLM I . 12.88 -5.28 57.83
C3 PLM I . 13.42 -4.05 57.06
C4 PLM I . 14.50 -3.24 57.79
C5 PLM I . 15.60 -2.62 56.90
C6 PLM I . 16.86 -2.42 57.75
C7 PLM I . 17.96 -1.49 57.25
C8 PLM I . 19.19 -1.74 58.16
C9 PLM I . 20.17 -0.58 58.33
CA PLM I . 21.02 -0.75 59.59
CB PLM I . 22.27 0.14 59.66
CC PLM I . 23.63 -0.55 59.72
CD PLM I . 24.70 0.11 58.81
CE PLM I . 25.98 -0.71 58.80
CF PLM I . 27.06 -0.15 57.89
C1 PLM J . 13.41 -14.93 16.53
O1 PLM J . 14.05 -14.20 15.73
O2 PLM J . 13.36 -16.18 16.41
C2 PLM J . 12.69 -14.27 17.69
C3 PLM J . 11.17 -14.46 17.56
C4 PLM J . 10.74 -15.91 17.81
C5 PLM J . 10.26 -16.60 16.53
C6 PLM J . 10.32 -18.12 16.55
C7 PLM J . 10.09 -18.70 15.15
C8 PLM J . 8.67 -18.54 14.62
C9 PLM J . 8.64 -17.42 13.56
CA PLM J . 7.28 -17.24 12.90
CB PLM J . 7.15 -15.84 12.30
CC PLM J . 5.73 -15.42 11.84
CD PLM J . 5.04 -16.48 10.94
CE PLM J . 3.63 -16.11 10.48
CF PLM J . 2.83 -17.37 10.16
CG PLM J . 1.44 -16.99 9.73
CU01 A1D6U K . 2.77 -8.09 -34.64
S003 A1D6U K . 3.91 -8.12 -36.31
N007 A1D6U K . 1.70 -9.39 -35.56
N008 A1D6U K . 1.29 -8.43 -33.27
N00C A1D6U K . 1.97 -9.85 -36.77
N00E A1D6U K . 3.57 -9.70 -38.73
C00F A1D6U K . 0.68 -9.84 -34.92
C00G A1D6U K . 0.40 -9.35 -33.69
C00J A1D6U K . 3.09 -9.34 -37.38
C00L A1D6U K . 1.20 -7.83 -32.04
C00O A1D6U K . -0.21 -10.91 -35.68
C00Q A1D6U K . 0.17 -8.14 -31.16
C00T A1D6U K . -0.67 -9.67 -32.80
C00U A1D6U K . 5.00 -9.70 -39.06
C00V A1D6U K . -0.76 -9.08 -31.56
C00Y A1D6U K . -1.50 -10.24 -36.18
C00Z A1D6U K . 2.61 -10.05 -39.80
C012 A1D6U K . -0.44 -12.25 -34.94
C IMN L . -1.18 8.76 -24.10
C1 IMN L . -0.12 9.50 -24.63
C2 IMN L . -0.02 9.84 -26.02
C3 IMN L . -1.01 9.44 -26.91
C4 IMN L . -2.10 8.70 -26.41
C5 IMN L . -2.18 8.38 -25.05
C6 IMN L . -1.71 10.88 -28.70
C7 IMN L . 0.76 9.82 -23.58
C8 IMN L . 0.19 9.24 -22.47
C9 IMN L . -1.79 7.90 -21.65
C10 IMN L . -3.18 7.15 -21.70
C11 IMN L . -3.73 6.57 -22.83
C12 IMN L . -4.96 5.94 -22.81
C13 IMN L . -5.68 5.90 -21.62
C14 IMN L . -5.17 6.46 -20.47
C15 IMN L . -3.92 7.08 -20.50
C16 IMN L . 0.91 9.41 -21.16
C17 IMN L . 2.12 10.63 -23.76
C18 IMN L . 2.80 11.67 -22.77
N IMN L . -0.99 8.61 -22.76
O IMN L . -0.94 9.76 -28.29
O1 IMN L . -1.37 7.96 -20.54
O2 IMN L . 3.56 11.23 -21.88
O3 IMN L . 2.72 12.94 -22.89
CL IMN L . -7.27 5.10 -21.61
C1 PLM M . -2.63 -12.66 -38.69
O1 PLM M . -3.68 -12.64 -38.02
O2 PLM M . -2.49 -11.87 -39.67
C2 PLM M . -1.47 -13.60 -38.35
C3 PLM M . -1.87 -15.08 -38.18
C4 PLM M . -2.42 -15.42 -36.79
C5 PLM M . -2.57 -16.92 -36.51
C6 PLM M . -1.78 -17.38 -35.27
C7 PLM M . -2.35 -16.88 -33.93
C8 PLM M . -1.64 -17.44 -32.68
C9 PLM M . -0.87 -16.34 -31.98
CA PLM M . -0.39 -16.62 -30.55
CB PLM M . -0.21 -15.28 -29.78
C1 PLM N . 1.65 -6.22 -14.52
O1 PLM N . 1.39 -5.77 -15.64
O2 PLM N . 1.05 -5.83 -13.47
C2 PLM N . 2.74 -7.27 -14.41
C3 PLM N . 2.29 -8.56 -13.73
C4 PLM N . 3.49 -9.43 -13.30
C5 PLM N . 4.43 -9.81 -14.45
C6 PLM N . 5.67 -10.53 -13.95
C7 PLM N . 6.69 -10.55 -15.08
C8 PLM N . 7.72 -11.68 -14.90
C9 PLM N . 7.90 -12.47 -16.18
CA PLM N . 9.28 -12.43 -16.83
CB PLM N . 10.05 -13.74 -16.69
CC PLM N . 10.55 -13.97 -15.27
CD PLM N . 12.07 -13.94 -15.14
CE PLM N . 12.75 -15.32 -15.04
CF PLM N . 14.20 -15.25 -15.57
CG PLM N . 15.05 -16.47 -15.30
C1 PLM O . -9.60 15.91 -31.00
O1 PLM O . -8.52 16.35 -31.46
O2 PLM O . -10.22 16.55 -30.13
C2 PLM O . -10.23 14.59 -31.46
C3 PLM O . -11.65 14.84 -31.98
C4 PLM O . -12.04 13.98 -33.19
C5 PLM O . -11.41 14.43 -34.49
C6 PLM O . -12.20 13.86 -35.69
C7 PLM O . -11.48 14.05 -37.02
C8 PLM O . -11.43 12.78 -37.87
C9 PLM O . -12.50 12.78 -38.98
CA PLM O . -12.43 11.58 -39.92
CB PLM O . -12.67 10.24 -39.23
CC PLM O . -14.04 10.13 -38.56
CD PLM O . -13.95 10.00 -37.05
CE PLM O . -15.32 10.17 -36.42
CF PLM O . -15.35 9.49 -35.05
C1 PLM P . -10.14 16.28 -40.57
O1 PLM P . -10.78 17.10 -39.85
O2 PLM P . -9.96 16.40 -41.79
C2 PLM P . -9.58 15.06 -39.91
C3 PLM P . -8.09 14.81 -40.18
C4 PLM P . -7.69 13.70 -39.19
C5 PLM P . -6.44 12.90 -39.44
C6 PLM P . -6.00 12.82 -40.89
C7 PLM P . -5.13 14.00 -41.29
C8 PLM P . -4.18 13.63 -42.43
C9 PLM P . -4.88 13.28 -43.73
CA PLM P . -4.35 12.01 -44.38
CB PLM P . -3.08 12.32 -45.19
CC PLM P . -2.11 11.16 -45.27
CD PLM P . -0.75 11.61 -44.73
CE PLM P . 0.29 10.50 -44.71
CF PLM P . 1.71 10.99 -44.43
CG PLM P . 2.77 10.02 -44.92
C1 PLM Q . -16.79 2.13 -56.81
O1 PLM Q . -16.65 1.89 -58.03
O2 PLM Q . -17.48 1.37 -56.07
C2 PLM Q . -16.14 3.39 -56.22
C3 PLM Q . -14.62 3.58 -56.50
C4 PLM Q . -14.20 3.43 -57.97
C5 PLM Q . -12.75 3.89 -58.27
C6 PLM Q . -12.64 4.83 -59.47
C7 PLM Q . -11.60 4.48 -60.54
C8 PLM Q . -12.09 5.03 -61.88
C9 PLM Q . -11.07 5.04 -63.02
CA PLM Q . -11.63 5.73 -64.26
CB PLM Q . -10.53 6.24 -65.21
CC PLM Q . -10.32 7.76 -65.19
CD PLM Q . -9.26 8.25 -66.20
CE PLM Q . -9.32 9.77 -66.42
CF PLM Q . -7.94 10.39 -66.68
C1 PLM R . 0.79 22.71 -23.93
O1 PLM R . 1.76 23.35 -24.38
O2 PLM R . -0.16 23.25 -23.30
C2 PLM R . 0.75 21.21 -24.21
C3 PLM R . 0.91 20.34 -22.95
C4 PLM R . -0.33 20.36 -22.05
C5 PLM R . -0.11 21.16 -20.77
C6 PLM R . -1.41 21.62 -20.11
C7 PLM R . -1.17 22.62 -18.99
C8 PLM R . -1.79 22.18 -17.67
C9 PLM R . -0.77 21.42 -16.85
CA PLM R . -1.44 20.64 -15.75
CB PLM R . -0.36 19.83 -15.06
CC PLM R . -0.93 18.97 -13.94
CD PLM R . 0.12 18.01 -13.42
CE PLM R . -0.12 17.62 -11.97
CF PLM R . 0.55 18.56 -10.99
CG PLM R . 0.22 18.15 -9.57
#